data_8RD3
#
_entry.id   8RD3
#
_cell.length_a   119.35
_cell.length_b   131.16
_cell.length_c   169.55
_cell.angle_alpha   90
_cell.angle_beta   90
_cell.angle_gamma   90
#
_symmetry.space_group_name_H-M   'I 2 2 2'
#
loop_
_entity.id
_entity.type
_entity.pdbx_description
1 polymer 'ATP-dependent helicase NAM7'
2 polymer 'Nonsense-mediated decay protein 4'
3 non-polymer 1,2-ETHANEDIOL
4 non-polymer 'SUCCINIC ACID'
5 non-polymer 'FORMIC ACID'
6 non-polymer 'MALONIC ACID'
7 water water
#
loop_
_entity_poly.entity_id
_entity_poly.type
_entity_poly.pdbx_seq_one_letter_code
_entity_poly.pdbx_strand_id
1 'polypeptide(L)'
;MASEQEAIPPLLLRYQDAYEYQRSYGPLIKLEADYDKQLKESQALEHISVSWSLALNNRHLASFTLSTFESNELKVAIGD
EMILWYSGMQHPDWEGRGYIVRLPNSFQDTFTLELKPSKTPPPTHLTTGFTAEFIWKGTSYDRMQDALKKFAIDKKSISG
YLYYKILGHQVVDISFDVPLPKEFSIPNFAQLNSSQSNAVSHVLQRPLSLIQGPPGTGKTVTSATIVYHLSKIHKDRILV
CAPSNVAVDHLAAKLRDLGLKVVRLTAKSREDVESSVSNLALHNLVGRGAKGELKNLLKLKDEVGELSASDTKRFVKLVR
KTEAEILNKADVVCCTCVGAGDKRLDTKFRTVLIDESTQASEPECLIPIVKGAKQVILVGDHQQLGPVILERKAADAGLK
QSLFERLISLGHVPIRLEVQYRMNPYLSEFPSNMFYEGSLQNGVTIEQRTVPNSKFPWPIRGIPMMFWANYGREEISANG
TSFLNRIEAMNCERIITKLFRDGVKPEQIGVITPYEGQRAYILQYMQMNGSLDKDLYIKVEVASVDAFQGREKDYIILSC
VRANEQQAIGFLRDPRRLNVGLTRAKYGLVILGNPRSLARNTLWNHLLIHFREKGCLVEGTLDNLQLCTVQLVRHHHHHH
;
A
2 'polypeptide(L)'
;GPGSTQYNFIIDASAFEKGLGNIKRWCSD(CME)TEAVTLNFYIPTFTLNELDFLQQRRKSFAARESLKFIDRLDDSKFA
NLKVFIEFPEVLDIILWSDVMEHNDSSGKINIAKLPKRLKNLLKSCIYKCYLEGNEGLHWFLISEDPQIREMAMQCNIPS
CSIVDVDSILSKDMNDKSFRESEKFNNMMLKNGTKEESENGREIIRTNFNKTVYASRGTGELWSP
;
B
#
loop_
_chem_comp.id
_chem_comp.type
_chem_comp.name
_chem_comp.formula
EDO non-polymer 1,2-ETHANEDIOL 'C2 H6 O2'
FMT non-polymer 'FORMIC ACID' 'C H2 O2'
MLA non-polymer 'MALONIC ACID' 'C3 H4 O4'
SIN non-polymer 'SUCCINIC ACID' 'C4 H6 O4'
#
# COMPACT_ATOMS: atom_id res chain seq x y z
N ALA A 7 -4.68 -24.51 -10.57
CA ALA A 7 -3.26 -24.80 -10.38
C ALA A 7 -2.37 -23.55 -10.59
N ILE A 8 -2.21 -22.72 -9.53
CA ILE A 8 -1.45 -21.46 -9.58
C ILE A 8 -0.07 -21.52 -8.86
N PRO A 9 1.00 -21.05 -9.56
CA PRO A 9 2.33 -20.97 -8.92
C PRO A 9 2.32 -19.91 -7.80
N PRO A 10 3.04 -20.18 -6.70
CA PRO A 10 3.07 -19.19 -5.60
C PRO A 10 3.88 -17.99 -6.03
N LEU A 11 3.73 -16.89 -5.28
CA LEU A 11 4.56 -15.71 -5.52
C LEU A 11 5.94 -16.09 -4.94
N LEU A 12 6.97 -15.95 -5.76
CA LEU A 12 8.32 -16.34 -5.38
C LEU A 12 9.11 -15.10 -4.95
N LEU A 13 10.32 -15.30 -4.40
CA LEU A 13 11.17 -14.17 -4.09
C LEU A 13 11.96 -13.83 -5.35
N ARG A 14 12.52 -14.85 -6.01
CA ARG A 14 13.23 -14.69 -7.27
C ARG A 14 12.49 -15.48 -8.35
N TYR A 15 12.31 -14.86 -9.51
CA TYR A 15 11.65 -15.48 -10.64
C TYR A 15 12.67 -15.86 -11.70
N GLN A 16 12.47 -16.98 -12.41
CA GLN A 16 13.42 -17.40 -13.46
C GLN A 16 13.37 -16.45 -14.62
N ASP A 17 12.15 -16.04 -15.01
CA ASP A 17 11.94 -15.12 -16.12
C ASP A 17 10.59 -14.40 -15.95
N ALA A 18 10.30 -13.39 -16.80
CA ALA A 18 9.04 -12.66 -16.70
C ALA A 18 7.81 -13.48 -17.08
N TYR A 19 7.99 -14.66 -17.72
CA TYR A 19 6.87 -15.54 -18.04
C TYR A 19 6.35 -16.17 -16.76
N GLU A 20 7.25 -16.55 -15.86
CA GLU A 20 6.90 -17.13 -14.58
C GLU A 20 6.24 -16.08 -13.68
N TYR A 21 6.72 -14.83 -13.75
CA TYR A 21 6.22 -13.67 -13.08
C TYR A 21 4.76 -13.46 -13.49
N GLN A 22 4.46 -13.53 -14.80
CA GLN A 22 3.12 -13.34 -15.35
C GLN A 22 2.18 -14.48 -14.95
N ARG A 23 2.70 -15.71 -14.97
CA ARG A 23 1.92 -16.89 -14.60
C ARG A 23 1.51 -16.88 -13.14
N SER A 24 2.20 -16.10 -12.30
CA SER A 24 1.92 -15.95 -10.88
C SER A 24 0.88 -14.86 -10.63
N TYR A 25 1.07 -13.66 -11.20
CA TYR A 25 0.16 -12.53 -10.99
C TYR A 25 -1.10 -12.55 -11.86
N GLY A 26 -1.00 -13.12 -13.05
CA GLY A 26 -2.11 -13.25 -14.00
C GLY A 26 -3.40 -13.83 -13.44
N PRO A 27 -3.33 -15.07 -12.91
CA PRO A 27 -4.52 -15.69 -12.31
C PRO A 27 -5.09 -14.89 -11.13
N LEU A 28 -4.24 -14.18 -10.37
CA LEU A 28 -4.70 -13.38 -9.25
C LEU A 28 -5.53 -12.18 -9.71
N ILE A 29 -5.16 -11.59 -10.83
CA ILE A 29 -5.92 -10.46 -11.39
C ILE A 29 -7.29 -10.94 -11.81
N LYS A 30 -7.36 -12.12 -12.45
CA LYS A 30 -8.61 -12.73 -12.89
C LYS A 30 -9.53 -12.98 -11.71
N LEU A 31 -9.00 -13.50 -10.61
CA LEU A 31 -9.79 -13.74 -9.41
C LEU A 31 -10.44 -12.46 -8.91
N GLU A 32 -9.68 -11.36 -8.84
CA GLU A 32 -10.18 -10.05 -8.43
C GLU A 32 -11.24 -9.54 -9.40
N ALA A 33 -10.95 -9.61 -10.70
CA ALA A 33 -11.85 -9.17 -11.74
C ALA A 33 -13.20 -9.90 -11.64
N ASP A 34 -13.18 -11.25 -11.55
CA ASP A 34 -14.36 -12.07 -11.45
C ASP A 34 -15.14 -11.74 -10.22
N TYR A 35 -14.47 -11.53 -9.10
CA TYR A 35 -15.14 -11.22 -7.84
C TYR A 35 -15.85 -9.88 -7.92
N ASP A 36 -15.17 -8.86 -8.46
CA ASP A 36 -15.70 -7.52 -8.63
C ASP A 36 -16.99 -7.59 -9.49
N LYS A 37 -16.88 -8.24 -10.66
CA LYS A 37 -17.97 -8.39 -11.58
C LYS A 37 -19.17 -9.13 -10.95
N GLN A 38 -18.91 -10.28 -10.27
CA GLN A 38 -19.94 -11.08 -9.62
C GLN A 38 -20.65 -10.30 -8.53
N LEU A 39 -19.92 -9.51 -7.77
CA LEU A 39 -20.46 -8.70 -6.71
C LEU A 39 -21.47 -7.68 -7.26
N LYS A 40 -21.16 -7.07 -8.40
CA LYS A 40 -22.05 -6.09 -9.01
C LYS A 40 -23.28 -6.79 -9.59
N GLU A 41 -23.13 -8.05 -10.06
CA GLU A 41 -24.25 -8.85 -10.56
C GLU A 41 -25.25 -9.12 -9.46
N SER A 42 -24.76 -9.35 -8.23
CA SER A 42 -25.62 -9.56 -7.09
C SER A 42 -26.28 -8.26 -6.69
N GLN A 43 -25.53 -7.15 -6.71
CA GLN A 43 -26.01 -5.80 -6.34
C GLN A 43 -27.17 -5.33 -7.25
N ALA A 44 -27.22 -5.83 -8.50
CA ALA A 44 -28.24 -5.53 -9.48
C ALA A 44 -29.63 -6.06 -9.11
N LEU A 45 -29.70 -6.97 -8.11
CA LEU A 45 -30.91 -7.61 -7.61
C LEU A 45 -31.53 -6.89 -6.43
N GLU A 46 -30.78 -6.04 -5.73
CA GLU A 46 -31.31 -5.30 -4.60
C GLU A 46 -32.42 -4.31 -5.03
N HIS A 47 -33.52 -4.28 -4.29
CA HIS A 47 -34.64 -3.38 -4.55
C HIS A 47 -34.31 -2.03 -3.91
N ILE A 48 -34.34 -0.94 -4.69
CA ILE A 48 -33.94 0.37 -4.17
C ILE A 48 -35.02 1.47 -4.25
N SER A 49 -34.85 2.55 -3.48
CA SER A 49 -35.72 3.73 -3.51
C SER A 49 -34.97 4.84 -4.26
N VAL A 50 -35.65 5.56 -5.14
CA VAL A 50 -35.04 6.64 -5.89
C VAL A 50 -35.66 7.98 -5.55
N SER A 51 -34.81 8.98 -5.29
CA SER A 51 -35.20 10.35 -5.03
C SER A 51 -34.81 11.12 -6.30
N TRP A 52 -35.75 11.81 -6.96
CA TRP A 52 -35.43 12.52 -8.19
C TRP A 52 -35.15 13.99 -7.99
N SER A 53 -34.26 14.53 -8.83
CA SER A 53 -33.88 15.95 -8.84
C SER A 53 -33.40 16.33 -10.25
N LEU A 54 -33.14 17.63 -10.48
CA LEU A 54 -32.69 18.10 -11.79
C LEU A 54 -31.30 18.70 -11.72
N ALA A 55 -30.43 18.27 -12.61
CA ALA A 55 -29.07 18.80 -12.69
C ALA A 55 -29.13 20.17 -13.36
N LEU A 56 -28.10 21.01 -13.18
CA LEU A 56 -28.03 22.34 -13.79
C LEU A 56 -28.21 22.29 -15.32
N ASN A 57 -27.60 21.29 -15.97
CA ASN A 57 -27.74 21.08 -17.42
C ASN A 57 -29.15 20.60 -17.86
N ASN A 58 -30.06 20.48 -16.88
CA ASN A 58 -31.45 20.07 -16.95
C ASN A 58 -31.64 18.58 -17.24
N ARG A 59 -30.66 17.75 -16.87
CA ARG A 59 -30.80 16.30 -17.00
C ARG A 59 -31.32 15.74 -15.68
N HIS A 60 -31.98 14.59 -15.74
CA HIS A 60 -32.56 13.97 -14.56
C HIS A 60 -31.51 13.29 -13.68
N LEU A 61 -31.66 13.46 -12.36
CA LEU A 61 -30.76 12.84 -11.39
C LEU A 61 -31.51 11.84 -10.53
N ALA A 62 -30.98 10.64 -10.42
CA ALA A 62 -31.56 9.61 -9.59
C ALA A 62 -30.62 9.32 -8.44
N SER A 63 -31.06 9.54 -7.21
CA SER A 63 -30.24 9.28 -6.03
C SER A 63 -30.80 8.09 -5.27
N PHE A 64 -29.93 7.20 -4.78
CA PHE A 64 -30.37 5.99 -4.12
C PHE A 64 -29.32 5.41 -3.19
N THR A 65 -29.73 4.53 -2.30
CA THR A 65 -28.81 3.92 -1.35
C THR A 65 -28.71 2.44 -1.62
N LEU A 66 -27.48 1.93 -1.65
CA LEU A 66 -27.20 0.53 -1.86
C LEU A 66 -26.74 -0.02 -0.52
N SER A 67 -27.61 -0.81 0.13
CA SER A 67 -27.43 -1.39 1.45
C SER A 67 -26.76 -2.75 1.48
N THR A 68 -26.81 -3.54 0.39
CA THR A 68 -26.27 -4.89 0.43
C THR A 68 -24.79 -4.96 0.81
N PHE A 69 -23.97 -4.14 0.16
CA PHE A 69 -22.53 -4.22 0.37
C PHE A 69 -21.95 -3.03 1.10
N GLU A 70 -20.77 -3.24 1.69
CA GLU A 70 -20.06 -2.17 2.36
C GLU A 70 -19.46 -1.23 1.29
N SER A 71 -19.26 0.06 1.66
CA SER A 71 -18.71 1.10 0.79
C SER A 71 -17.44 0.66 0.02
N ASN A 72 -16.52 -0.02 0.73
CA ASN A 72 -15.26 -0.53 0.19
C ASN A 72 -15.39 -1.69 -0.80
N GLU A 73 -16.53 -2.45 -0.74
CA GLU A 73 -16.77 -3.59 -1.63
C GLU A 73 -17.25 -3.20 -3.04
N LEU A 74 -17.92 -2.05 -3.18
CA LEU A 74 -18.40 -1.60 -4.47
C LEU A 74 -17.37 -0.69 -5.07
N LYS A 75 -16.63 -1.20 -6.07
CA LYS A 75 -15.58 -0.43 -6.76
C LYS A 75 -16.18 0.38 -7.89
N VAL A 76 -16.91 1.42 -7.51
CA VAL A 76 -17.63 2.31 -8.42
C VAL A 76 -16.95 3.67 -8.50
N ALA A 77 -16.69 4.14 -9.71
CA ALA A 77 -16.04 5.44 -9.93
C ALA A 77 -16.99 6.45 -10.55
N ILE A 78 -16.70 7.76 -10.45
CA ILE A 78 -17.52 8.78 -11.09
C ILE A 78 -17.36 8.64 -12.62
N GLY A 79 -18.47 8.61 -13.33
CA GLY A 79 -18.43 8.45 -14.78
C GLY A 79 -18.88 7.07 -15.22
N ASP A 80 -18.86 6.09 -14.30
CA ASP A 80 -19.27 4.73 -14.58
C ASP A 80 -20.70 4.64 -15.05
N GLU A 81 -20.89 3.88 -16.13
CA GLU A 81 -22.21 3.72 -16.73
C GLU A 81 -23.08 2.74 -15.91
N MET A 82 -24.37 3.03 -15.85
CA MET A 82 -25.30 2.19 -15.11
C MET A 82 -26.66 2.19 -15.77
N ILE A 83 -27.46 1.16 -15.52
CA ILE A 83 -28.84 1.12 -15.99
C ILE A 83 -29.76 1.09 -14.77
N LEU A 84 -30.73 1.98 -14.75
CA LEU A 84 -31.74 2.05 -13.72
C LEU A 84 -33.02 1.46 -14.34
N TRP A 85 -33.60 0.46 -13.67
CA TRP A 85 -34.76 -0.25 -14.18
C TRP A 85 -35.96 -0.11 -13.28
N TYR A 86 -37.15 0.10 -13.85
CA TYR A 86 -38.39 0.06 -13.07
C TYR A 86 -39.21 -1.12 -13.59
N SER A 87 -39.78 -1.87 -12.66
CA SER A 87 -40.71 -2.94 -12.95
C SER A 87 -41.64 -2.97 -11.77
N GLY A 88 -42.92 -2.75 -12.03
CA GLY A 88 -43.92 -2.68 -10.98
C GLY A 88 -45.32 -2.46 -11.53
N MET A 89 -46.26 -2.22 -10.61
CA MET A 89 -47.67 -2.08 -10.93
C MET A 89 -48.16 -0.64 -11.06
N GLN A 90 -47.28 0.35 -10.89
CA GLN A 90 -47.66 1.75 -11.04
C GLN A 90 -47.34 2.35 -12.43
N HIS A 91 -46.60 1.62 -13.27
CA HIS A 91 -46.15 2.13 -14.55
C HIS A 91 -45.61 0.96 -15.38
N PRO A 92 -45.64 1.05 -16.72
CA PRO A 92 -45.04 -0.02 -17.53
C PRO A 92 -43.54 -0.20 -17.24
N ASP A 93 -42.94 -1.30 -17.72
CA ASP A 93 -41.50 -1.52 -17.52
C ASP A 93 -40.70 -0.37 -18.17
N TRP A 94 -39.60 0.03 -17.55
CA TRP A 94 -38.81 1.15 -18.05
C TRP A 94 -37.34 0.93 -17.74
N GLU A 95 -36.46 1.34 -18.64
CA GLU A 95 -35.03 1.27 -18.41
C GLU A 95 -34.42 2.63 -18.74
N GLY A 96 -33.34 2.96 -18.06
CA GLY A 96 -32.67 4.24 -18.28
C GLY A 96 -31.18 4.13 -18.04
N ARG A 97 -30.37 4.57 -19.01
CA ARG A 97 -28.92 4.52 -18.90
C ARG A 97 -28.41 5.89 -18.47
N GLY A 98 -27.38 5.89 -17.65
CA GLY A 98 -26.79 7.12 -17.16
C GLY A 98 -25.41 6.90 -16.59
N TYR A 99 -24.83 7.95 -16.02
CA TYR A 99 -23.48 7.89 -15.47
C TYR A 99 -23.43 8.39 -14.05
N ILE A 100 -22.54 7.82 -13.23
CA ILE A 100 -22.37 8.23 -11.85
C ILE A 100 -21.77 9.62 -11.76
N VAL A 101 -22.44 10.51 -11.03
CA VAL A 101 -22.04 11.90 -10.86
C VAL A 101 -21.65 12.20 -9.40
N ARG A 102 -22.18 11.42 -8.45
CA ARG A 102 -21.87 11.53 -7.02
C ARG A 102 -21.77 10.13 -6.43
N LEU A 103 -20.82 9.94 -5.53
CA LEU A 103 -20.63 8.68 -4.83
C LEU A 103 -20.92 8.92 -3.35
N PRO A 104 -21.23 7.88 -2.58
CA PRO A 104 -21.45 8.06 -1.14
C PRO A 104 -20.23 8.64 -0.44
N ASN A 105 -20.48 9.47 0.54
CA ASN A 105 -19.43 10.02 1.39
C ASN A 105 -19.81 9.70 2.86
N SER A 106 -19.12 10.30 3.84
CA SER A 106 -19.39 10.00 5.24
C SER A 106 -20.80 10.45 5.68
N PHE A 107 -21.27 11.58 5.08
CA PHE A 107 -22.54 12.23 5.39
C PHE A 107 -23.70 11.84 4.45
N GLN A 108 -23.43 11.78 3.15
CA GLN A 108 -24.40 11.39 2.12
C GLN A 108 -24.22 9.87 1.85
N ASP A 109 -25.23 9.04 2.15
CA ASP A 109 -25.17 7.59 1.88
C ASP A 109 -25.55 7.24 0.42
N THR A 110 -25.88 8.24 -0.41
CA THR A 110 -26.41 8.00 -1.73
C THR A 110 -25.48 8.11 -2.90
N PHE A 111 -25.81 7.37 -3.95
CA PHE A 111 -25.17 7.46 -5.25
C PHE A 111 -26.07 8.36 -6.09
N THR A 112 -25.49 9.14 -7.01
CA THR A 112 -26.31 9.95 -7.91
C THR A 112 -26.02 9.62 -9.37
N LEU A 113 -27.03 9.17 -10.09
CA LEU A 113 -26.92 8.77 -11.48
C LEU A 113 -27.57 9.83 -12.36
N GLU A 114 -26.81 10.43 -13.27
CA GLU A 114 -27.36 11.40 -14.21
C GLU A 114 -27.77 10.67 -15.47
N LEU A 115 -29.06 10.67 -15.77
CA LEU A 115 -29.60 9.94 -16.90
C LEU A 115 -29.36 10.59 -18.25
N LYS A 116 -29.03 9.76 -19.26
CA LYS A 116 -28.84 10.22 -20.64
C LYS A 116 -30.19 10.61 -21.20
N PRO A 117 -30.23 11.67 -22.04
CA PRO A 117 -31.52 12.09 -22.61
C PRO A 117 -32.11 11.02 -23.50
N SER A 118 -33.44 10.87 -23.45
CA SER A 118 -34.11 9.88 -24.28
C SER A 118 -35.47 10.39 -24.76
N LYS A 119 -36.02 9.72 -25.79
CA LYS A 119 -37.34 10.02 -26.34
C LYS A 119 -38.42 9.76 -25.25
N THR A 120 -38.22 8.73 -24.41
CA THR A 120 -39.16 8.42 -23.33
C THR A 120 -38.69 9.05 -22.01
N PRO A 121 -39.53 9.89 -21.39
CA PRO A 121 -39.12 10.53 -20.12
C PRO A 121 -39.07 9.55 -18.95
N PRO A 122 -38.25 9.87 -17.93
CA PRO A 122 -38.17 9.00 -16.75
C PRO A 122 -39.39 9.12 -15.83
N PRO A 123 -39.74 8.02 -15.13
CA PRO A 123 -40.90 8.05 -14.21
C PRO A 123 -40.57 8.73 -12.88
N THR A 124 -40.31 10.05 -12.90
CA THR A 124 -39.94 10.85 -11.72
C THR A 124 -40.98 10.91 -10.61
N HIS A 125 -42.21 10.44 -10.91
CA HIS A 125 -43.27 10.40 -9.90
C HIS A 125 -43.18 9.14 -9.01
N LEU A 126 -42.42 8.11 -9.46
CA LEU A 126 -42.27 6.86 -8.71
C LEU A 126 -41.03 6.88 -7.84
N THR A 127 -41.10 6.21 -6.68
CA THR A 127 -40.00 6.16 -5.71
C THR A 127 -39.45 4.74 -5.51
N THR A 128 -40.30 3.74 -5.58
CA THR A 128 -39.92 2.35 -5.36
C THR A 128 -40.16 1.49 -6.61
N GLY A 129 -39.63 0.27 -6.60
CA GLY A 129 -39.75 -0.62 -7.75
C GLY A 129 -38.53 -0.57 -8.66
N PHE A 130 -37.49 0.12 -8.24
CA PHE A 130 -36.29 0.28 -9.02
C PHE A 130 -35.20 -0.69 -8.61
N THR A 131 -34.34 -1.03 -9.58
CA THR A 131 -33.11 -1.80 -9.38
C THR A 131 -32.01 -1.10 -10.22
N ALA A 132 -30.76 -1.19 -9.77
CA ALA A 132 -29.65 -0.51 -10.42
C ALA A 132 -28.54 -1.50 -10.80
N GLU A 133 -28.23 -1.59 -12.10
CA GLU A 133 -27.25 -2.52 -12.64
C GLU A 133 -26.05 -1.79 -13.21
N PHE A 134 -24.89 -1.94 -12.56
CA PHE A 134 -23.65 -1.32 -13.04
C PHE A 134 -23.18 -2.05 -14.27
N ILE A 135 -22.83 -1.30 -15.31
CA ILE A 135 -22.34 -1.90 -16.54
C ILE A 135 -20.85 -2.21 -16.36
N TRP A 136 -20.50 -3.48 -16.61
CA TRP A 136 -19.15 -3.97 -16.43
C TRP A 136 -18.26 -3.62 -17.58
N LYS A 137 -17.13 -2.95 -17.32
CA LYS A 137 -16.17 -2.66 -18.37
C LYS A 137 -14.94 -3.59 -18.27
N GLY A 138 -14.28 -3.63 -17.10
CA GLY A 138 -13.10 -4.48 -16.89
C GLY A 138 -11.77 -3.87 -17.34
N THR A 139 -11.84 -2.64 -17.88
CA THR A 139 -10.72 -1.87 -18.39
C THR A 139 -9.49 -1.85 -17.48
N SER A 140 -9.69 -1.66 -16.17
CA SER A 140 -8.60 -1.60 -15.20
C SER A 140 -7.85 -2.90 -15.15
N TYR A 141 -8.57 -4.01 -15.06
CA TYR A 141 -7.97 -5.33 -15.00
C TYR A 141 -7.34 -5.72 -16.32
N ASP A 142 -7.91 -5.29 -17.44
CA ASP A 142 -7.38 -5.59 -18.77
C ASP A 142 -6.00 -4.98 -18.92
N ARG A 143 -5.84 -3.73 -18.49
CA ARG A 143 -4.58 -3.03 -18.56
C ARG A 143 -3.54 -3.70 -17.67
N MET A 144 -3.94 -4.22 -16.51
CA MET A 144 -3.01 -4.89 -15.61
C MET A 144 -2.46 -6.15 -16.26
N GLN A 145 -3.33 -6.90 -16.92
CA GLN A 145 -2.99 -8.11 -17.65
C GLN A 145 -2.08 -7.80 -18.82
N ASP A 146 -2.38 -6.71 -19.56
CA ASP A 146 -1.57 -6.26 -20.68
C ASP A 146 -0.19 -5.87 -20.24
N ALA A 147 -0.08 -5.19 -19.08
CA ALA A 147 1.20 -4.74 -18.54
C ALA A 147 2.05 -5.93 -18.19
N LEU A 148 1.45 -6.97 -17.56
CA LEU A 148 2.15 -8.21 -17.20
C LEU A 148 2.68 -8.91 -18.42
N LYS A 149 1.86 -8.99 -19.46
CA LYS A 149 2.19 -9.67 -20.71
C LYS A 149 3.26 -8.89 -21.44
N LYS A 150 3.16 -7.55 -21.49
CA LYS A 150 4.15 -6.70 -22.15
C LYS A 150 5.51 -6.80 -21.46
N PHE A 151 5.50 -6.87 -20.13
CA PHE A 151 6.69 -7.06 -19.34
C PHE A 151 7.38 -8.39 -19.70
N ALA A 152 6.60 -9.43 -19.94
CA ALA A 152 7.14 -10.74 -20.27
C ALA A 152 7.74 -10.85 -21.67
N ILE A 153 7.04 -10.33 -22.70
CA ILE A 153 7.44 -10.56 -24.09
C ILE A 153 8.07 -9.36 -24.84
N ASP A 154 7.92 -8.12 -24.34
CA ASP A 154 8.49 -6.96 -25.00
C ASP A 154 9.78 -6.52 -24.26
N LYS A 155 10.96 -6.77 -24.85
CA LYS A 155 12.25 -6.41 -24.27
C LYS A 155 12.46 -4.88 -24.16
N LYS A 156 11.74 -4.11 -24.98
CA LYS A 156 11.88 -2.65 -24.96
C LYS A 156 10.94 -1.95 -23.99
N SER A 157 10.08 -2.71 -23.29
CA SER A 157 9.09 -2.19 -22.36
C SER A 157 9.72 -1.58 -21.10
N ILE A 158 10.86 -2.10 -20.67
CA ILE A 158 11.56 -1.63 -19.49
C ILE A 158 13.03 -1.95 -19.66
N SER A 159 13.93 -1.14 -19.08
CA SER A 159 15.36 -1.39 -19.17
C SER A 159 15.74 -2.79 -18.60
N GLY A 160 16.87 -3.32 -19.03
CA GLY A 160 17.36 -4.62 -18.59
C GLY A 160 17.65 -4.63 -17.11
N TYR A 161 18.22 -3.55 -16.58
CA TYR A 161 18.50 -3.44 -15.15
C TYR A 161 17.20 -3.53 -14.32
N LEU A 162 16.17 -2.75 -14.71
CA LEU A 162 14.92 -2.77 -13.99
C LEU A 162 14.21 -4.10 -14.12
N TYR A 163 14.31 -4.74 -15.27
CA TYR A 163 13.74 -6.06 -15.51
C TYR A 163 14.32 -7.07 -14.51
N TYR A 164 15.67 -7.09 -14.36
CA TYR A 164 16.34 -8.00 -13.41
C TYR A 164 16.00 -7.68 -11.98
N LYS A 165 15.92 -6.39 -11.64
CA LYS A 165 15.56 -5.99 -10.29
C LYS A 165 14.13 -6.44 -9.94
N ILE A 166 13.19 -6.29 -10.87
CA ILE A 166 11.82 -6.73 -10.65
C ILE A 166 11.72 -8.27 -10.56
N LEU A 167 12.58 -8.97 -11.27
CA LEU A 167 12.59 -10.43 -11.19
C LEU A 167 13.27 -10.97 -9.94
N GLY A 168 13.94 -10.11 -9.18
CA GLY A 168 14.68 -10.52 -7.99
C GLY A 168 16.07 -11.05 -8.28
N HIS A 169 16.61 -10.78 -9.49
CA HIS A 169 17.94 -11.24 -9.86
C HIS A 169 19.08 -10.41 -9.29
N GLN A 170 20.27 -11.05 -9.19
CA GLN A 170 21.44 -10.36 -8.72
C GLN A 170 22.34 -9.97 -9.90
N VAL A 171 22.28 -8.69 -10.20
CA VAL A 171 23.03 -8.02 -11.22
C VAL A 171 23.74 -6.86 -10.54
N VAL A 172 24.90 -6.44 -11.07
CA VAL A 172 25.66 -5.34 -10.49
C VAL A 172 24.84 -4.08 -10.39
N ASP A 173 25.07 -3.33 -9.30
CA ASP A 173 24.38 -2.07 -9.10
C ASP A 173 24.99 -1.02 -10.00
N ILE A 174 24.13 -0.21 -10.59
CA ILE A 174 24.55 0.84 -11.49
C ILE A 174 23.96 2.17 -11.02
N SER A 175 24.61 3.25 -11.41
CA SER A 175 24.15 4.60 -11.12
C SER A 175 24.32 5.41 -12.39
N PHE A 176 23.63 6.54 -12.50
CA PHE A 176 23.70 7.39 -13.67
C PHE A 176 24.77 8.43 -13.50
N ASP A 177 25.52 8.69 -14.56
CA ASP A 177 26.51 9.75 -14.58
C ASP A 177 25.66 10.99 -14.91
N VAL A 178 25.21 11.65 -13.86
CA VAL A 178 24.28 12.77 -13.92
C VAL A 178 24.80 13.93 -13.08
N PRO A 179 24.71 15.16 -13.63
CA PRO A 179 25.15 16.33 -12.87
C PRO A 179 24.18 16.67 -11.73
N LEU A 180 24.64 16.47 -10.47
CA LEU A 180 23.83 16.79 -9.29
C LEU A 180 23.84 18.31 -9.09
N PRO A 181 22.72 18.91 -8.66
CA PRO A 181 22.73 20.36 -8.41
C PRO A 181 23.47 20.70 -7.12
N LYS A 182 23.93 21.94 -7.00
CA LYS A 182 24.64 22.39 -5.81
C LYS A 182 23.63 22.46 -4.63
N GLU A 183 22.44 23.01 -4.92
CA GLU A 183 21.34 23.17 -3.98
C GLU A 183 20.11 22.35 -4.46
N PHE A 184 19.56 21.51 -3.58
CA PHE A 184 18.39 20.72 -3.92
C PHE A 184 17.09 21.47 -3.76
N SER A 185 17.02 22.43 -2.84
CA SER A 185 15.82 23.28 -2.70
C SER A 185 15.72 24.20 -3.92
N ILE A 186 14.52 24.53 -4.37
CA ILE A 186 14.32 25.36 -5.54
C ILE A 186 14.22 26.84 -5.16
N PRO A 187 15.05 27.70 -5.82
CA PRO A 187 15.05 29.13 -5.50
C PRO A 187 13.69 29.78 -5.64
N ASN A 188 13.41 30.79 -4.80
CA ASN A 188 12.11 31.46 -4.81
C ASN A 188 10.98 30.61 -4.23
N PHE A 189 11.29 29.39 -3.74
CA PHE A 189 10.31 28.50 -3.13
C PHE A 189 10.75 28.10 -1.74
N ALA A 190 9.77 27.64 -0.92
CA ALA A 190 10.01 27.18 0.44
C ALA A 190 11.07 26.07 0.47
N GLN A 191 12.08 26.26 1.30
CA GLN A 191 13.24 25.40 1.47
C GLN A 191 12.93 24.02 2.04
N LEU A 192 13.52 22.99 1.43
CA LEU A 192 13.37 21.65 1.94
C LEU A 192 14.13 21.49 3.25
N ASN A 193 13.62 20.66 4.16
CA ASN A 193 14.38 20.31 5.35
C ASN A 193 15.51 19.31 4.93
N SER A 194 16.42 18.97 5.84
CA SER A 194 17.52 18.07 5.48
C SER A 194 17.07 16.70 5.15
N SER A 195 15.99 16.18 5.78
CA SER A 195 15.49 14.84 5.45
C SER A 195 14.97 14.77 4.01
N GLN A 196 14.21 15.79 3.61
CA GLN A 196 13.65 15.94 2.27
C GLN A 196 14.74 16.13 1.26
N SER A 197 15.75 16.95 1.59
CA SER A 197 16.87 17.22 0.70
C SER A 197 17.69 15.98 0.48
N ASN A 198 17.92 15.19 1.54
CA ASN A 198 18.67 13.94 1.40
C ASN A 198 17.95 12.95 0.49
N ALA A 199 16.61 12.95 0.54
CA ALA A 199 15.81 12.09 -0.30
C ALA A 199 15.97 12.45 -1.78
N VAL A 200 15.88 13.74 -2.13
CA VAL A 200 16.08 14.19 -3.50
C VAL A 200 17.48 13.86 -3.99
N SER A 201 18.47 14.04 -3.12
CA SER A 201 19.87 13.75 -3.41
C SER A 201 20.08 12.27 -3.74
N HIS A 202 19.58 11.37 -2.88
CA HIS A 202 19.74 9.93 -3.01
C HIS A 202 19.12 9.34 -4.31
N VAL A 203 18.02 9.90 -4.72
CA VAL A 203 17.22 9.45 -5.86
C VAL A 203 17.77 9.81 -7.26
N LEU A 204 18.33 11.00 -7.42
CA LEU A 204 18.64 11.54 -8.74
C LEU A 204 19.56 10.70 -9.64
N GLN A 205 20.45 9.89 -9.09
CA GLN A 205 21.35 9.06 -9.91
C GLN A 205 21.04 7.59 -9.87
N ARG A 206 19.91 7.17 -9.26
CA ARG A 206 19.59 5.76 -9.16
C ARG A 206 18.53 5.36 -10.14
N PRO A 207 18.66 4.15 -10.72
CA PRO A 207 17.62 3.63 -11.60
C PRO A 207 16.34 3.25 -10.86
N LEU A 208 16.45 2.92 -9.56
CA LEU A 208 15.29 2.51 -8.77
C LEU A 208 15.41 2.99 -7.33
N SER A 209 14.45 3.81 -6.86
CA SER A 209 14.49 4.31 -5.48
C SER A 209 13.15 4.14 -4.81
N LEU A 210 13.19 3.99 -3.46
CA LEU A 210 11.98 3.88 -2.67
C LEU A 210 12.03 4.97 -1.62
N ILE A 211 11.01 5.82 -1.56
CA ILE A 211 10.94 6.87 -0.54
C ILE A 211 9.80 6.58 0.39
N GLN A 212 10.08 6.54 1.68
CA GLN A 212 9.04 6.30 2.66
C GLN A 212 8.64 7.63 3.25
N GLY A 213 7.36 7.93 3.12
CA GLY A 213 6.83 9.18 3.62
C GLY A 213 5.80 8.98 4.71
N PRO A 214 6.24 9.00 5.97
CA PRO A 214 5.30 8.89 7.10
C PRO A 214 4.29 10.05 7.14
N PRO A 215 3.25 10.02 8.00
CA PRO A 215 2.27 11.12 8.01
C PRO A 215 2.85 12.52 8.35
N GLY A 216 2.38 13.52 7.62
CA GLY A 216 2.77 14.91 7.77
C GLY A 216 4.22 15.26 7.43
N THR A 217 4.96 14.40 6.70
CA THR A 217 6.37 14.66 6.43
C THR A 217 6.70 15.38 5.11
N GLY A 218 5.70 15.77 4.33
CA GLY A 218 5.94 16.54 3.11
C GLY A 218 6.39 15.75 1.89
N LYS A 219 5.76 14.61 1.62
CA LYS A 219 6.10 13.81 0.45
C LYS A 219 5.73 14.50 -0.86
N THR A 220 4.76 15.42 -0.87
CA THR A 220 4.39 16.12 -2.11
C THR A 220 5.45 17.08 -2.57
N VAL A 221 5.92 17.95 -1.69
CA VAL A 221 6.98 18.89 -2.05
C VAL A 221 8.28 18.15 -2.40
N THR A 222 8.56 17.05 -1.71
CA THR A 222 9.76 16.27 -1.97
C THR A 222 9.66 15.62 -3.34
N SER A 223 8.49 15.04 -3.66
CA SER A 223 8.28 14.38 -4.95
C SER A 223 8.30 15.38 -6.10
N ALA A 224 7.64 16.53 -5.90
CA ALA A 224 7.62 17.56 -6.93
C ALA A 224 9.01 18.11 -7.19
N THR A 225 9.83 18.26 -6.13
CA THR A 225 11.20 18.74 -6.29
C THR A 225 12.05 17.74 -7.06
N ILE A 226 11.84 16.44 -6.83
CA ILE A 226 12.56 15.38 -7.54
C ILE A 226 12.22 15.45 -9.02
N VAL A 227 10.92 15.55 -9.32
CA VAL A 227 10.43 15.63 -10.70
C VAL A 227 11.01 16.87 -11.39
N TYR A 228 11.04 18.00 -10.67
CA TYR A 228 11.59 19.26 -11.16
C TYR A 228 13.04 19.08 -11.57
N HIS A 229 13.87 18.45 -10.71
CA HIS A 229 15.28 18.27 -11.02
C HIS A 229 15.48 17.28 -12.16
N LEU A 230 14.74 16.16 -12.16
CA LEU A 230 14.84 15.17 -13.23
C LEU A 230 14.44 15.75 -14.58
N SER A 231 13.51 16.73 -14.59
CA SER A 231 13.07 17.40 -15.81
C SER A 231 14.20 18.27 -16.35
N LYS A 232 14.91 18.98 -15.47
CA LYS A 232 16.04 19.83 -15.88
C LYS A 232 17.25 18.99 -16.32
N ILE A 233 17.47 17.86 -15.66
CA ILE A 233 18.59 16.99 -15.97
C ILE A 233 18.41 16.23 -17.27
N HIS A 234 17.31 15.51 -17.42
CA HIS A 234 17.09 14.69 -18.62
C HIS A 234 16.55 15.45 -19.80
N LYS A 235 15.95 16.64 -19.58
CA LYS A 235 15.32 17.47 -20.63
C LYS A 235 14.30 16.64 -21.43
N ASP A 236 13.55 15.80 -20.73
CA ASP A 236 12.61 14.89 -21.33
C ASP A 236 11.32 14.80 -20.47
N ARG A 237 10.27 14.15 -20.99
CA ARG A 237 9.01 13.99 -20.27
C ARG A 237 9.14 13.04 -19.12
N ILE A 238 8.52 13.42 -18.00
CA ILE A 238 8.45 12.60 -16.79
C ILE A 238 6.99 12.16 -16.61
N LEU A 239 6.78 10.89 -16.29
CA LEU A 239 5.44 10.38 -16.03
C LEU A 239 5.24 10.34 -14.52
N VAL A 240 4.18 11.01 -14.02
CA VAL A 240 3.88 11.02 -12.60
C VAL A 240 2.51 10.36 -12.34
N CYS A 241 2.49 9.34 -11.44
CA CYS A 241 1.29 8.55 -11.17
C CYS A 241 1.04 8.34 -9.70
N ALA A 242 -0.19 7.92 -9.38
CA ALA A 242 -0.65 7.49 -8.06
C ALA A 242 -1.88 6.65 -8.28
N PRO A 243 -2.20 5.68 -7.40
CA PRO A 243 -3.43 4.90 -7.59
C PRO A 243 -4.74 5.71 -7.60
N SER A 244 -4.84 6.78 -6.80
CA SER A 244 -6.06 7.57 -6.71
C SER A 244 -6.01 8.91 -7.44
N ASN A 245 -7.17 9.43 -7.87
CA ASN A 245 -7.25 10.70 -8.57
C ASN A 245 -6.89 11.90 -7.68
N VAL A 246 -7.22 11.85 -6.38
CA VAL A 246 -6.90 12.94 -5.45
C VAL A 246 -5.39 13.10 -5.33
N ALA A 247 -4.66 11.98 -5.20
CA ALA A 247 -3.21 12.02 -5.07
C ALA A 247 -2.56 12.58 -6.32
N VAL A 248 -3.10 12.22 -7.49
CA VAL A 248 -2.60 12.70 -8.76
C VAL A 248 -2.80 14.22 -8.85
N ASP A 249 -3.99 14.70 -8.51
CA ASP A 249 -4.30 16.12 -8.52
C ASP A 249 -3.42 16.89 -7.55
N HIS A 250 -3.18 16.37 -6.34
CA HIS A 250 -2.32 17.04 -5.35
C HIS A 250 -0.92 17.28 -5.91
N LEU A 251 -0.35 16.24 -6.51
CA LEU A 251 1.00 16.27 -7.06
C LEU A 251 1.09 17.13 -8.29
N ALA A 252 0.07 17.10 -9.13
CA ALA A 252 0.02 17.92 -10.33
C ALA A 252 -0.02 19.39 -9.96
N ALA A 253 -0.79 19.75 -8.92
CA ALA A 253 -0.91 21.14 -8.50
C ALA A 253 0.43 21.69 -8.03
N LYS A 254 1.19 20.90 -7.25
CA LYS A 254 2.50 21.30 -6.77
C LYS A 254 3.48 21.46 -7.91
N LEU A 255 3.43 20.57 -8.90
CA LEU A 255 4.31 20.64 -10.06
C LEU A 255 4.03 21.88 -10.88
N ARG A 256 2.76 22.23 -11.04
CA ARG A 256 2.37 23.42 -11.78
C ARG A 256 2.89 24.67 -11.05
N ASP A 257 2.81 24.68 -9.72
CA ASP A 257 3.29 25.78 -8.88
C ASP A 257 4.80 25.97 -9.02
N LEU A 258 5.56 24.89 -9.28
CA LEU A 258 7.00 24.99 -9.53
C LEU A 258 7.37 25.54 -10.90
N GLY A 259 6.38 25.72 -11.77
CA GLY A 259 6.63 26.29 -13.08
C GLY A 259 6.85 25.28 -14.19
N LEU A 260 6.40 24.03 -13.99
CA LEU A 260 6.55 22.99 -15.00
C LEU A 260 5.29 22.91 -15.87
N LYS A 261 5.44 22.57 -17.15
CA LYS A 261 4.29 22.39 -18.05
C LYS A 261 3.70 20.99 -17.78
N VAL A 262 2.64 20.94 -16.98
CA VAL A 262 2.00 19.71 -16.58
C VAL A 262 0.75 19.42 -17.39
N VAL A 263 0.57 18.17 -17.80
CA VAL A 263 -0.64 17.75 -18.49
C VAL A 263 -1.32 16.67 -17.67
N ARG A 264 -2.53 16.96 -17.17
CA ARG A 264 -3.33 16.02 -16.38
C ARG A 264 -4.28 15.22 -17.27
N LEU A 265 -4.01 13.94 -17.45
CA LEU A 265 -4.84 13.08 -18.26
C LEU A 265 -5.92 12.41 -17.44
N THR A 266 -7.17 12.68 -17.81
CA THR A 266 -8.36 12.09 -17.20
C THR A 266 -9.04 11.19 -18.25
N ALA A 267 -9.76 10.15 -17.81
CA ALA A 267 -10.51 9.29 -18.73
C ALA A 267 -11.61 10.09 -19.42
N LYS A 268 -12.04 9.65 -20.60
CA LYS A 268 -13.13 10.33 -21.32
C LYS A 268 -14.42 10.39 -20.43
N SER A 269 -14.62 9.35 -19.60
CA SER A 269 -15.71 9.16 -18.66
C SER A 269 -15.74 10.22 -17.54
N ARG A 270 -14.56 10.72 -17.13
CA ARG A 270 -14.47 11.68 -16.03
C ARG A 270 -14.10 13.11 -16.48
N GLU A 271 -14.25 13.42 -17.77
CA GLU A 271 -13.89 14.74 -18.27
C GLU A 271 -14.66 15.89 -17.62
N ASP A 272 -15.86 15.59 -17.11
CA ASP A 272 -16.71 16.62 -16.51
C ASP A 272 -16.59 16.68 -14.97
N VAL A 273 -15.65 15.92 -14.38
CA VAL A 273 -15.43 15.90 -12.94
C VAL A 273 -14.84 17.23 -12.45
N GLU A 274 -15.35 17.77 -11.33
CA GLU A 274 -14.82 19.01 -10.77
C GLU A 274 -13.44 18.74 -10.19
N SER A 275 -12.46 19.61 -10.52
CA SER A 275 -11.09 19.42 -10.04
C SER A 275 -10.38 20.72 -9.72
N SER A 276 -9.39 20.64 -8.84
CA SER A 276 -8.55 21.80 -8.52
C SER A 276 -7.57 22.11 -9.67
N VAL A 277 -7.25 21.10 -10.49
CA VAL A 277 -6.33 21.20 -11.61
C VAL A 277 -7.03 21.05 -12.94
N SER A 278 -8.28 21.52 -13.05
CA SER A 278 -9.04 21.44 -14.30
C SER A 278 -8.33 22.16 -15.44
N ASN A 279 -7.60 23.23 -15.14
CA ASN A 279 -6.81 23.99 -16.11
C ASN A 279 -5.64 23.17 -16.72
N LEU A 280 -5.32 22.01 -16.14
CA LEU A 280 -4.28 21.13 -16.63
C LEU A 280 -4.84 19.92 -17.38
N ALA A 281 -6.16 19.70 -17.34
CA ALA A 281 -6.78 18.55 -17.99
C ALA A 281 -6.56 18.59 -19.47
N LEU A 282 -6.18 17.45 -20.07
CA LEU A 282 -5.90 17.35 -21.49
C LEU A 282 -7.06 17.85 -22.34
N HIS A 283 -8.29 17.47 -21.99
CA HIS A 283 -9.49 17.88 -22.73
C HIS A 283 -9.71 19.39 -22.69
N ASN A 284 -9.36 20.04 -21.57
CA ASN A 284 -9.48 21.49 -21.44
C ASN A 284 -8.35 22.18 -22.22
N LEU A 285 -7.16 21.58 -22.27
CA LEU A 285 -6.03 22.10 -23.04
C LEU A 285 -6.30 22.00 -24.54
N VAL A 286 -7.00 20.95 -24.97
CA VAL A 286 -7.38 20.78 -26.37
C VAL A 286 -8.37 21.87 -26.74
N GLY A 287 -9.40 22.03 -25.92
CA GLY A 287 -10.45 23.00 -26.12
C GLY A 287 -9.93 24.42 -26.17
N ARG A 288 -9.19 24.82 -25.13
CA ARG A 288 -8.65 26.16 -25.05
C ARG A 288 -7.57 26.46 -26.09
N GLY A 289 -6.63 25.55 -26.28
CA GLY A 289 -5.55 25.75 -27.24
C GLY A 289 -5.90 25.38 -28.67
N ALA A 290 -7.20 25.35 -29.00
CA ALA A 290 -7.62 24.97 -30.35
C ALA A 290 -7.83 26.18 -31.23
N LYS A 291 -7.53 26.00 -32.50
CA LYS A 291 -7.75 27.03 -33.51
C LYS A 291 -8.09 26.39 -34.87
N GLY A 292 -8.63 27.20 -35.77
CA GLY A 292 -9.00 26.75 -37.09
C GLY A 292 -10.18 25.79 -37.10
N GLU A 293 -10.08 24.74 -37.91
CA GLU A 293 -11.11 23.73 -38.10
C GLU A 293 -11.57 23.10 -36.79
N LEU A 294 -10.62 22.82 -35.88
CA LEU A 294 -10.97 22.22 -34.60
C LEU A 294 -11.79 23.16 -33.72
N LYS A 295 -11.44 24.45 -33.72
CA LYS A 295 -12.16 25.45 -32.93
C LYS A 295 -13.64 25.50 -33.35
N ASN A 296 -13.89 25.40 -34.67
CA ASN A 296 -15.23 25.39 -35.23
C ASN A 296 -16.00 24.11 -34.85
N LEU A 297 -15.38 22.95 -35.02
CA LEU A 297 -16.01 21.67 -34.70
C LEU A 297 -16.40 21.56 -33.22
N LEU A 298 -15.63 22.22 -32.34
CA LEU A 298 -15.90 22.22 -30.90
C LEU A 298 -17.13 23.07 -30.57
N LYS A 299 -17.20 24.30 -31.13
CA LYS A 299 -18.33 25.21 -30.95
C LYS A 299 -19.62 24.57 -31.48
N LEU A 300 -19.52 23.91 -32.64
CA LEU A 300 -20.65 23.25 -33.27
C LEU A 300 -21.16 22.10 -32.41
N LYS A 301 -20.24 21.28 -31.88
CA LYS A 301 -20.61 20.15 -31.04
C LYS A 301 -21.23 20.58 -29.71
N ASP A 302 -20.83 21.74 -29.21
CA ASP A 302 -21.33 22.28 -27.95
C ASP A 302 -22.80 22.73 -28.10
N GLU A 303 -23.10 23.47 -29.18
CA GLU A 303 -24.44 24.00 -29.38
C GLU A 303 -25.40 23.01 -30.01
N VAL A 304 -24.92 22.17 -30.93
CA VAL A 304 -25.76 21.15 -31.54
C VAL A 304 -25.91 19.95 -30.61
N GLY A 305 -24.85 19.59 -29.90
CA GLY A 305 -24.86 18.44 -29.01
C GLY A 305 -24.43 17.15 -29.66
N GLU A 306 -24.46 17.11 -31.01
CA GLU A 306 -24.09 15.95 -31.80
C GLU A 306 -23.42 16.42 -33.11
N LEU A 307 -22.70 15.52 -33.77
CA LEU A 307 -22.06 15.83 -35.04
C LEU A 307 -22.47 14.84 -36.13
N SER A 308 -22.35 15.24 -37.40
CA SER A 308 -22.67 14.36 -38.51
C SER A 308 -21.57 13.28 -38.65
N ALA A 309 -21.80 12.24 -39.48
CA ALA A 309 -20.83 11.17 -39.65
C ALA A 309 -19.48 11.71 -40.16
N SER A 310 -19.49 12.56 -41.20
CA SER A 310 -18.28 13.14 -41.78
C SER A 310 -17.56 14.07 -40.80
N ASP A 311 -18.32 14.85 -40.03
CA ASP A 311 -17.74 15.76 -39.06
C ASP A 311 -17.20 15.04 -37.82
N THR A 312 -17.76 13.88 -37.49
CA THR A 312 -17.31 13.11 -36.33
C THR A 312 -15.96 12.49 -36.63
N LYS A 313 -15.80 11.91 -37.83
CA LYS A 313 -14.54 11.31 -38.27
C LYS A 313 -13.46 12.39 -38.31
N ARG A 314 -13.82 13.59 -38.80
CA ARG A 314 -12.89 14.70 -38.89
C ARG A 314 -12.54 15.24 -37.51
N PHE A 315 -13.53 15.27 -36.61
CA PHE A 315 -13.36 15.74 -35.25
C PHE A 315 -12.39 14.83 -34.49
N VAL A 316 -12.59 13.52 -34.56
CA VAL A 316 -11.75 12.53 -33.89
C VAL A 316 -10.29 12.60 -34.35
N LYS A 317 -10.09 12.76 -35.66
CA LYS A 317 -8.75 12.83 -36.23
C LYS A 317 -7.99 14.06 -35.69
N LEU A 318 -8.65 15.21 -35.67
CA LEU A 318 -8.07 16.46 -35.21
C LEU A 318 -7.79 16.49 -33.72
N VAL A 319 -8.70 15.92 -32.92
CA VAL A 319 -8.54 15.86 -31.47
C VAL A 319 -7.32 15.02 -31.14
N ARG A 320 -7.18 13.85 -31.77
CA ARG A 320 -6.04 12.96 -31.55
C ARG A 320 -4.74 13.64 -31.88
N LYS A 321 -4.69 14.34 -33.03
CA LYS A 321 -3.49 15.06 -33.45
C LYS A 321 -3.11 16.12 -32.41
N THR A 322 -4.11 16.88 -31.91
CA THR A 322 -3.88 17.94 -30.94
C THR A 322 -3.45 17.37 -29.60
N GLU A 323 -4.10 16.28 -29.17
CA GLU A 323 -3.79 15.60 -27.92
C GLU A 323 -2.34 15.14 -27.91
N ALA A 324 -1.88 14.53 -29.02
CA ALA A 324 -0.50 14.08 -29.15
C ALA A 324 0.47 15.23 -29.07
N GLU A 325 0.18 16.36 -29.73
CA GLU A 325 1.06 17.52 -29.71
C GLU A 325 1.19 18.08 -28.28
N ILE A 326 0.09 18.10 -27.54
CA ILE A 326 0.10 18.62 -26.17
C ILE A 326 0.89 17.71 -25.25
N LEU A 327 0.63 16.39 -25.36
CA LEU A 327 1.30 15.38 -24.56
C LEU A 327 2.80 15.30 -24.87
N ASN A 328 3.22 15.61 -26.12
CA ASN A 328 4.62 15.55 -26.51
C ASN A 328 5.41 16.72 -25.96
N LYS A 329 4.80 17.91 -25.94
CA LYS A 329 5.47 19.14 -25.48
C LYS A 329 5.52 19.33 -23.97
N ALA A 330 4.85 18.45 -23.21
CA ALA A 330 4.74 18.53 -21.77
C ALA A 330 6.03 18.18 -21.02
N ASP A 331 6.27 18.86 -19.91
CA ASP A 331 7.39 18.56 -19.03
C ASP A 331 7.02 17.34 -18.18
N VAL A 332 5.77 17.26 -17.74
CA VAL A 332 5.26 16.18 -16.91
C VAL A 332 3.89 15.78 -17.35
N VAL A 333 3.65 14.47 -17.41
CA VAL A 333 2.32 13.93 -17.68
C VAL A 333 1.80 13.30 -16.37
N CYS A 334 0.66 13.78 -15.85
CA CYS A 334 0.08 13.26 -14.62
C CYS A 334 -1.15 12.41 -14.93
N CYS A 335 -1.22 11.23 -14.34
CA CYS A 335 -2.37 10.34 -14.50
C CYS A 335 -2.36 9.27 -13.41
N THR A 336 -3.46 8.53 -13.24
CA THR A 336 -3.47 7.42 -12.28
C THR A 336 -2.66 6.27 -12.86
N CYS A 337 -2.29 5.28 -12.04
CA CYS A 337 -1.56 4.10 -12.52
C CYS A 337 -2.27 3.40 -13.64
N VAL A 338 -3.58 3.15 -13.50
CA VAL A 338 -4.39 2.52 -14.54
C VAL A 338 -4.52 3.45 -15.75
N GLY A 339 -4.69 4.74 -15.48
CA GLY A 339 -4.81 5.76 -16.52
C GLY A 339 -3.60 5.82 -17.41
N ALA A 340 -2.43 5.41 -16.89
CA ALA A 340 -1.22 5.35 -17.71
C ALA A 340 -1.37 4.39 -18.89
N GLY A 341 -2.27 3.44 -18.80
CA GLY A 341 -2.53 2.48 -19.86
C GLY A 341 -3.43 3.02 -20.97
N ASP A 342 -3.86 4.28 -20.88
CA ASP A 342 -4.72 4.92 -21.87
C ASP A 342 -4.08 4.89 -23.26
N LYS A 343 -4.90 4.71 -24.32
CA LYS A 343 -4.42 4.66 -25.71
C LYS A 343 -3.64 5.90 -26.08
N ARG A 344 -4.06 7.06 -25.57
CA ARG A 344 -3.41 8.32 -25.87
C ARG A 344 -1.96 8.40 -25.39
N LEU A 345 -1.57 7.57 -24.41
CA LEU A 345 -0.21 7.55 -23.87
C LEU A 345 0.59 6.34 -24.38
N ASP A 346 0.38 5.92 -25.64
CA ASP A 346 1.14 4.80 -26.18
C ASP A 346 2.47 5.28 -26.80
N THR A 347 3.17 6.11 -26.02
CA THR A 347 4.47 6.70 -26.30
C THR A 347 5.46 6.23 -25.18
N LYS A 348 6.70 6.69 -25.21
CA LYS A 348 7.74 6.26 -24.28
C LYS A 348 7.91 7.23 -23.15
N PHE A 349 8.05 6.71 -21.92
CA PHE A 349 8.31 7.50 -20.70
C PHE A 349 9.50 6.87 -19.96
N ARG A 350 10.66 7.49 -20.04
CA ARG A 350 11.89 6.95 -19.49
C ARG A 350 12.07 7.17 -17.99
N THR A 351 11.35 8.15 -17.41
CA THR A 351 11.43 8.41 -15.98
C THR A 351 10.05 8.43 -15.37
N VAL A 352 9.83 7.60 -14.34
CA VAL A 352 8.51 7.47 -13.72
C VAL A 352 8.56 7.64 -12.21
N LEU A 353 7.71 8.50 -11.66
CA LEU A 353 7.54 8.60 -10.22
C LEU A 353 6.09 8.15 -9.84
N ILE A 354 5.99 7.14 -8.96
CA ILE A 354 4.70 6.64 -8.50
C ILE A 354 4.53 6.96 -7.04
N ASP A 355 3.60 7.85 -6.72
CA ASP A 355 3.27 8.23 -5.36
C ASP A 355 2.22 7.28 -4.82
N GLU A 356 2.22 7.06 -3.50
CA GLU A 356 1.26 6.16 -2.86
C GLU A 356 1.27 4.77 -3.48
N SER A 357 2.45 4.35 -3.92
CA SER A 357 2.63 3.06 -4.56
C SER A 357 2.26 1.89 -3.65
N THR A 358 2.26 2.09 -2.35
CA THR A 358 1.87 1.06 -1.35
C THR A 358 0.35 0.79 -1.33
N GLN A 359 -0.45 1.66 -1.95
CA GLN A 359 -1.88 1.52 -2.03
C GLN A 359 -2.36 0.86 -3.31
N ALA A 360 -1.44 0.34 -4.13
CA ALA A 360 -1.78 -0.34 -5.35
C ALA A 360 -1.19 -1.74 -5.32
N SER A 361 -1.81 -2.67 -6.04
CA SER A 361 -1.22 -4.02 -6.20
C SER A 361 -0.02 -3.88 -7.19
N GLU A 362 0.86 -4.86 -7.21
CA GLU A 362 2.02 -4.86 -8.09
C GLU A 362 1.67 -4.70 -9.57
N PRO A 363 0.67 -5.48 -10.11
CA PRO A 363 0.29 -5.30 -11.53
C PRO A 363 -0.24 -3.91 -11.86
N GLU A 364 -0.80 -3.19 -10.88
CA GLU A 364 -1.32 -1.84 -11.11
C GLU A 364 -0.17 -0.85 -11.26
N CYS A 365 0.86 -1.01 -10.42
CA CYS A 365 2.08 -0.22 -10.49
C CYS A 365 2.89 -0.46 -11.73
N LEU A 366 2.79 -1.66 -12.30
CA LEU A 366 3.52 -2.07 -13.48
C LEU A 366 3.11 -1.31 -14.70
N ILE A 367 1.85 -0.90 -14.79
CA ILE A 367 1.29 -0.20 -15.94
C ILE A 367 2.13 1.00 -16.40
N PRO A 368 2.43 1.98 -15.53
CA PRO A 368 3.27 3.11 -16.00
C PRO A 368 4.75 2.77 -16.20
N ILE A 369 5.22 1.70 -15.58
CA ILE A 369 6.64 1.28 -15.60
C ILE A 369 7.01 0.55 -16.90
N VAL A 370 6.03 -0.01 -17.62
CA VAL A 370 6.31 -0.76 -18.85
C VAL A 370 6.14 0.09 -20.08
N LYS A 371 6.58 1.33 -20.02
CA LYS A 371 6.53 2.25 -21.15
C LYS A 371 7.93 2.74 -21.54
N GLY A 372 8.93 1.89 -21.39
CA GLY A 372 10.32 2.21 -21.71
C GLY A 372 11.06 2.84 -20.56
N ALA A 373 10.65 2.52 -19.30
CA ALA A 373 11.24 3.11 -18.10
C ALA A 373 12.69 2.77 -17.87
N LYS A 374 13.51 3.78 -17.61
CA LYS A 374 14.94 3.63 -17.30
C LYS A 374 15.15 3.96 -15.80
N GLN A 375 14.36 4.90 -15.25
CA GLN A 375 14.48 5.35 -13.89
C GLN A 375 13.11 5.36 -13.21
N VAL A 376 13.01 4.71 -12.05
CA VAL A 376 11.76 4.61 -11.30
C VAL A 376 11.92 5.05 -9.83
N ILE A 377 11.01 5.91 -9.37
CA ILE A 377 10.98 6.34 -7.99
C ILE A 377 9.62 5.93 -7.43
N LEU A 378 9.60 5.07 -6.39
CA LEU A 378 8.37 4.66 -5.77
C LEU A 378 8.28 5.32 -4.40
N VAL A 379 7.24 6.11 -4.18
CA VAL A 379 7.00 6.76 -2.90
C VAL A 379 5.84 5.97 -2.24
N GLY A 380 5.88 5.81 -0.92
CA GLY A 380 4.82 5.11 -0.20
C GLY A 380 5.08 4.98 1.28
N ASP A 381 4.31 4.17 1.96
CA ASP A 381 4.50 3.90 3.37
C ASP A 381 3.87 2.55 3.67
N HIS A 382 4.70 1.52 3.75
CA HIS A 382 4.20 0.18 4.08
C HIS A 382 3.68 0.11 5.53
N GLN A 383 3.82 1.18 6.34
CA GLN A 383 3.32 1.21 7.69
C GLN A 383 1.89 1.80 7.73
N GLN A 384 1.36 2.28 6.59
CA GLN A 384 0.02 2.83 6.44
C GLN A 384 -0.89 1.88 5.60
N LEU A 385 -2.11 2.31 5.16
CA LEU A 385 -3.01 1.40 4.45
C LEU A 385 -2.49 0.90 3.07
N GLY A 386 -2.74 -0.39 2.81
CA GLY A 386 -2.39 -1.09 1.58
C GLY A 386 -3.52 -1.10 0.57
N PRO A 387 -3.36 -1.86 -0.53
CA PRO A 387 -4.43 -1.90 -1.53
C PRO A 387 -5.66 -2.66 -1.06
N VAL A 388 -6.81 -2.36 -1.72
CA VAL A 388 -8.07 -3.01 -1.45
C VAL A 388 -8.25 -4.24 -2.36
N ILE A 389 -8.16 -5.43 -1.79
CA ILE A 389 -8.33 -6.66 -2.53
C ILE A 389 -9.60 -7.35 -2.02
N LEU A 390 -10.67 -7.27 -2.79
CA LEU A 390 -11.98 -7.83 -2.46
C LEU A 390 -11.95 -9.36 -2.34
N GLU A 391 -11.28 -10.05 -3.27
CA GLU A 391 -11.17 -11.51 -3.32
C GLU A 391 -10.14 -12.02 -2.31
N ARG A 392 -10.59 -12.70 -1.28
CA ARG A 392 -9.72 -13.19 -0.21
C ARG A 392 -8.66 -14.18 -0.69
N LYS A 393 -9.00 -15.08 -1.61
CA LYS A 393 -8.05 -16.05 -2.15
C LYS A 393 -6.90 -15.33 -2.84
N ALA A 394 -7.19 -14.23 -3.58
CA ALA A 394 -6.21 -13.44 -4.29
C ALA A 394 -5.35 -12.68 -3.29
N ALA A 395 -5.98 -12.11 -2.25
CA ALA A 395 -5.28 -11.39 -1.21
C ALA A 395 -4.35 -12.35 -0.45
N ASP A 396 -4.84 -13.53 -0.12
CA ASP A 396 -4.10 -14.57 0.58
C ASP A 396 -2.94 -15.03 -0.26
N ALA A 397 -3.13 -15.21 -1.57
CA ALA A 397 -2.07 -15.63 -2.49
C ALA A 397 -0.94 -14.60 -2.68
N GLY A 398 -1.14 -13.37 -2.21
CA GLY A 398 -0.11 -12.34 -2.25
C GLY A 398 -0.40 -11.11 -3.05
N LEU A 399 -1.61 -10.95 -3.59
CA LEU A 399 -1.96 -9.76 -4.36
C LEU A 399 -2.04 -8.48 -3.51
N LYS A 400 -2.12 -8.60 -2.16
CA LYS A 400 -2.13 -7.41 -1.29
C LYS A 400 -0.76 -6.74 -1.23
N GLN A 401 0.32 -7.50 -1.51
CA GLN A 401 1.66 -6.97 -1.49
C GLN A 401 1.94 -6.04 -2.67
N SER A 402 2.25 -4.78 -2.37
CA SER A 402 2.58 -3.83 -3.39
C SER A 402 4.03 -4.07 -3.97
N LEU A 403 4.38 -3.40 -5.08
CA LEU A 403 5.73 -3.51 -5.63
C LEU A 403 6.73 -2.89 -4.64
N PHE A 404 6.33 -1.78 -3.98
CA PHE A 404 7.18 -1.15 -2.97
C PHE A 404 7.61 -2.15 -1.88
N GLU A 405 6.65 -2.91 -1.31
CA GLU A 405 6.93 -3.91 -0.28
C GLU A 405 7.75 -5.10 -0.74
N ARG A 406 7.51 -5.61 -1.96
CA ARG A 406 8.29 -6.74 -2.46
C ARG A 406 9.75 -6.35 -2.65
N LEU A 407 9.99 -5.14 -3.17
CA LEU A 407 11.34 -4.59 -3.33
C LEU A 407 12.03 -4.48 -1.98
N ILE A 408 11.31 -4.17 -0.89
CA ILE A 408 11.89 -4.14 0.45
C ILE A 408 12.34 -5.56 0.82
N SER A 409 11.47 -6.57 0.67
CA SER A 409 11.83 -7.99 0.90
C SER A 409 13.02 -8.45 0.07
N LEU A 410 13.26 -7.79 -1.07
CA LEU A 410 14.39 -8.10 -1.93
C LEU A 410 15.69 -7.38 -1.50
N GLY A 411 15.63 -6.50 -0.50
CA GLY A 411 16.80 -5.80 0.02
C GLY A 411 16.95 -4.32 -0.32
N HIS A 412 15.93 -3.71 -0.90
CA HIS A 412 15.97 -2.30 -1.25
C HIS A 412 15.59 -1.51 -0.01
N VAL A 413 16.50 -0.68 0.50
CA VAL A 413 16.19 0.12 1.69
C VAL A 413 15.55 1.44 1.27
N PRO A 414 14.34 1.77 1.74
CA PRO A 414 13.76 3.08 1.39
C PRO A 414 14.42 4.24 2.15
N ILE A 415 14.45 5.43 1.54
CA ILE A 415 14.92 6.62 2.24
C ILE A 415 13.71 7.19 2.97
N ARG A 416 13.77 7.38 4.29
CA ARG A 416 12.62 7.90 5.04
C ARG A 416 12.62 9.41 5.29
N LEU A 417 11.45 10.09 5.11
CA LEU A 417 11.29 11.52 5.42
C LEU A 417 10.95 11.52 6.90
N GLU A 418 11.78 12.16 7.72
CA GLU A 418 11.67 12.04 9.16
C GLU A 418 11.20 13.25 9.92
N VAL A 419 10.75 14.35 9.28
CA VAL A 419 10.25 15.51 10.05
C VAL A 419 8.75 15.69 9.82
N GLN A 420 7.91 15.45 10.85
CA GLN A 420 6.46 15.60 10.70
C GLN A 420 5.95 17.00 11.10
N TYR A 421 5.01 17.54 10.33
CA TYR A 421 4.49 18.89 10.56
C TYR A 421 3.01 18.92 10.88
N ARG A 422 2.39 17.76 11.12
CA ARG A 422 0.97 17.67 11.35
C ARG A 422 0.55 17.85 12.78
N MET A 423 1.08 17.03 13.66
CA MET A 423 0.54 16.88 14.98
C MET A 423 1.39 17.35 16.09
N ASN A 424 0.76 17.59 17.24
CA ASN A 424 1.37 17.95 18.49
C ASN A 424 2.44 16.89 18.83
N PRO A 425 3.65 17.33 19.21
CA PRO A 425 4.71 16.37 19.57
C PRO A 425 4.30 15.19 20.46
N TYR A 426 3.31 15.38 21.33
CA TYR A 426 2.86 14.30 22.21
C TYR A 426 2.17 13.18 21.44
N LEU A 427 1.46 13.54 20.37
CA LEU A 427 0.75 12.61 19.52
C LEU A 427 1.64 11.82 18.61
N SER A 428 2.80 12.37 18.22
CA SER A 428 3.69 11.68 17.30
C SER A 428 4.64 10.71 17.98
N GLU A 429 4.74 10.75 19.30
CA GLU A 429 5.68 9.92 20.04
C GLU A 429 5.44 8.41 19.91
N PHE A 430 4.25 7.90 20.25
CA PHE A 430 3.99 6.47 20.16
C PHE A 430 4.06 5.98 18.72
N PRO A 431 3.35 6.59 17.74
CA PRO A 431 3.46 6.13 16.34
C PRO A 431 4.90 6.12 15.85
N SER A 432 5.70 7.14 16.20
CA SER A 432 7.11 7.20 15.82
C SER A 432 7.90 6.05 16.42
N ASN A 433 7.77 5.79 17.72
CA ASN A 433 8.51 4.72 18.37
C ASN A 433 8.08 3.34 17.91
N MET A 434 6.77 3.17 17.67
CA MET A 434 6.23 1.88 17.30
C MET A 434 6.40 1.50 15.88
N PHE A 435 6.19 2.44 14.95
CA PHE A 435 6.17 2.13 13.53
C PHE A 435 7.32 2.71 12.70
N TYR A 436 8.08 3.67 13.23
CA TYR A 436 9.15 4.31 12.48
C TYR A 436 10.49 4.32 13.19
N GLU A 437 10.70 3.34 14.10
CA GLU A 437 11.93 3.14 14.85
C GLU A 437 12.42 4.37 15.60
N GLY A 438 11.48 5.18 16.04
CA GLY A 438 11.76 6.40 16.78
C GLY A 438 12.45 7.49 16.00
N SER A 439 12.44 7.39 14.67
CA SER A 439 13.13 8.32 13.80
C SER A 439 12.40 9.63 13.56
N LEU A 440 11.09 9.68 13.82
CA LEU A 440 10.33 10.89 13.56
C LEU A 440 10.68 12.06 14.49
N GLN A 441 11.00 13.18 13.88
CA GLN A 441 11.26 14.44 14.54
C GLN A 441 10.05 15.34 14.36
N ASN A 442 9.93 16.40 15.16
CA ASN A 442 8.77 17.28 15.02
C ASN A 442 9.11 18.62 14.38
N GLY A 443 8.40 18.94 13.31
CA GLY A 443 8.58 20.20 12.59
C GLY A 443 7.71 21.33 13.11
N VAL A 444 6.76 21.00 14.01
CA VAL A 444 5.87 21.91 14.72
C VAL A 444 6.08 21.69 16.22
N THR A 445 5.91 22.75 17.02
CA THR A 445 6.09 22.64 18.47
C THR A 445 4.74 22.43 19.20
N ILE A 446 4.81 22.13 20.50
CA ILE A 446 3.66 21.99 21.39
C ILE A 446 2.86 23.31 21.38
N GLU A 447 3.55 24.43 21.34
CA GLU A 447 2.93 25.74 21.34
C GLU A 447 2.21 26.03 20.02
N GLN A 448 2.70 25.46 18.90
CA GLN A 448 2.02 25.60 17.61
C GLN A 448 0.78 24.68 17.48
N ARG A 449 0.69 23.66 18.33
CA ARG A 449 -0.38 22.70 18.31
C ARG A 449 -1.13 22.69 19.62
N THR A 450 -1.39 23.88 20.17
CA THR A 450 -2.12 24.01 21.44
C THR A 450 -3.22 25.09 21.40
N VAL A 451 -4.19 24.99 22.32
CA VAL A 451 -5.29 25.93 22.48
C VAL A 451 -5.11 26.61 23.82
N PRO A 452 -4.77 27.91 23.80
CA PRO A 452 -4.42 28.61 25.05
C PRO A 452 -5.42 28.55 26.20
N ASN A 453 -6.71 28.78 25.91
CA ASN A 453 -7.70 28.84 26.98
C ASN A 453 -8.61 27.63 27.07
N SER A 454 -8.06 26.44 26.75
CA SER A 454 -8.81 25.20 26.78
C SER A 454 -9.33 24.84 28.19
N LYS A 455 -10.57 24.37 28.24
CA LYS A 455 -11.28 23.93 29.45
C LYS A 455 -11.58 22.40 29.38
N PHE A 456 -11.16 21.70 28.30
CA PHE A 456 -11.38 20.29 28.11
C PHE A 456 -10.64 19.50 29.19
N PRO A 457 -11.32 18.51 29.80
CA PRO A 457 -10.72 17.76 30.90
C PRO A 457 -9.65 16.74 30.52
N TRP A 458 -8.55 17.18 29.90
CA TRP A 458 -7.44 16.30 29.60
C TRP A 458 -6.81 15.87 30.93
N PRO A 459 -6.47 14.58 31.11
CA PRO A 459 -5.86 14.14 32.38
C PRO A 459 -4.71 14.99 32.89
N ILE A 460 -3.78 15.39 32.00
CA ILE A 460 -2.67 16.28 32.32
C ILE A 460 -2.72 17.48 31.40
N ARG A 461 -2.76 18.70 31.92
CA ARG A 461 -2.80 19.91 31.09
C ARG A 461 -1.53 19.99 30.28
N GLY A 462 -1.66 20.23 28.98
CA GLY A 462 -0.48 20.29 28.12
C GLY A 462 -0.27 19.02 27.34
N ILE A 463 -0.89 17.90 27.80
CA ILE A 463 -0.86 16.63 27.07
C ILE A 463 -2.24 16.39 26.50
N PRO A 464 -2.41 16.66 25.19
CA PRO A 464 -3.74 16.57 24.58
C PRO A 464 -4.08 15.17 24.08
N MET A 465 -4.00 14.19 24.98
CA MET A 465 -4.40 12.84 24.64
C MET A 465 -4.87 12.08 25.86
N MET A 466 -5.74 11.10 25.66
CA MET A 466 -6.22 10.26 26.74
C MET A 466 -6.79 8.95 26.24
N PHE A 467 -6.65 7.92 27.07
CA PHE A 467 -7.25 6.64 26.78
C PHE A 467 -8.28 6.54 27.87
N TRP A 468 -9.55 6.74 27.49
CA TRP A 468 -10.62 6.67 28.44
C TRP A 468 -11.21 5.26 28.49
N ALA A 469 -10.79 4.51 29.51
CA ALA A 469 -11.24 3.16 29.75
C ALA A 469 -12.66 3.13 30.15
N ASN A 470 -13.40 2.21 29.57
CA ASN A 470 -14.76 1.91 29.96
C ASN A 470 -14.84 0.40 30.06
N TYR A 471 -15.74 -0.05 30.91
CA TYR A 471 -15.90 -1.48 31.15
C TYR A 471 -17.20 -2.02 30.54
N GLY A 472 -17.64 -1.44 29.44
CA GLY A 472 -18.80 -1.92 28.72
C GLY A 472 -18.51 -3.20 27.96
N ARG A 473 -19.54 -3.83 27.40
CA ARG A 473 -19.37 -5.05 26.62
C ARG A 473 -19.88 -4.85 25.22
N GLU A 474 -19.26 -5.53 24.24
CA GLU A 474 -19.69 -5.46 22.85
C GLU A 474 -21.07 -6.16 22.68
N GLU A 475 -21.90 -5.59 21.80
CA GLU A 475 -23.25 -6.03 21.46
C GLU A 475 -23.16 -6.44 19.97
N ILE A 476 -24.28 -6.88 19.37
CA ILE A 476 -24.33 -7.26 17.98
C ILE A 476 -25.39 -6.41 17.31
N SER A 477 -25.07 -5.83 16.17
CA SER A 477 -26.00 -4.98 15.44
C SER A 477 -27.09 -5.78 14.71
N ALA A 478 -28.08 -5.07 14.10
CA ALA A 478 -29.21 -5.64 13.36
C ALA A 478 -28.81 -6.58 12.20
N ASN A 479 -27.57 -6.49 11.69
CA ASN A 479 -27.13 -7.40 10.63
C ASN A 479 -26.67 -8.76 11.18
N GLY A 480 -26.14 -8.78 12.40
CA GLY A 480 -25.59 -10.00 12.98
C GLY A 480 -24.12 -10.21 12.64
N THR A 481 -23.64 -9.45 11.63
CA THR A 481 -22.27 -9.43 11.11
C THR A 481 -21.43 -8.31 11.69
N SER A 482 -21.98 -7.47 12.59
CA SER A 482 -21.22 -6.37 13.17
C SER A 482 -21.42 -6.23 14.68
N PHE A 483 -20.53 -5.47 15.34
CA PHE A 483 -20.58 -5.19 16.77
C PHE A 483 -20.82 -3.70 17.02
N LEU A 484 -21.39 -3.37 18.19
CA LEU A 484 -21.57 -2.01 18.70
C LEU A 484 -21.25 -1.98 20.20
N ASN A 485 -21.00 -0.79 20.75
CA ASN A 485 -20.73 -0.66 22.18
C ASN A 485 -21.48 0.56 22.64
N ARG A 486 -22.63 0.36 23.28
CA ARG A 486 -23.50 1.43 23.76
C ARG A 486 -22.85 2.38 24.77
N ILE A 487 -22.05 1.86 25.70
CA ILE A 487 -21.36 2.72 26.67
C ILE A 487 -20.29 3.56 25.98
N GLU A 488 -19.50 2.98 25.05
CA GLU A 488 -18.49 3.75 24.32
C GLU A 488 -19.16 4.81 23.43
N ALA A 489 -20.32 4.49 22.84
CA ALA A 489 -21.05 5.46 22.03
C ALA A 489 -21.52 6.62 22.91
N MET A 490 -21.97 6.32 24.13
CA MET A 490 -22.40 7.35 25.05
C MET A 490 -21.23 8.24 25.45
N ASN A 491 -20.08 7.64 25.79
CA ASN A 491 -18.87 8.37 26.12
C ASN A 491 -18.38 9.25 24.98
N CYS A 492 -18.55 8.79 23.75
CA CYS A 492 -18.16 9.52 22.56
C CYS A 492 -18.92 10.83 22.47
N GLU A 493 -20.24 10.79 22.72
CA GLU A 493 -21.09 11.97 22.74
C GLU A 493 -20.62 12.95 23.82
N ARG A 494 -20.28 12.42 25.03
CA ARG A 494 -19.81 13.26 26.12
C ARG A 494 -18.52 14.01 25.77
N ILE A 495 -17.60 13.33 25.04
CA ILE A 495 -16.36 13.94 24.59
C ILE A 495 -16.69 15.05 23.60
N ILE A 496 -17.53 14.77 22.61
CA ILE A 496 -17.86 15.74 21.57
C ILE A 496 -18.55 16.97 22.15
N THR A 497 -19.53 16.76 23.02
CA THR A 497 -20.23 17.84 23.70
C THR A 497 -19.28 18.70 24.52
N LYS A 498 -18.31 18.06 25.18
CA LYS A 498 -17.31 18.75 25.95
C LYS A 498 -16.42 19.59 25.01
N LEU A 499 -16.07 19.06 23.84
CA LEU A 499 -15.31 19.81 22.83
C LEU A 499 -16.13 20.98 22.29
N PHE A 500 -17.41 20.78 22.08
CA PHE A 500 -18.31 21.82 21.62
C PHE A 500 -18.37 22.94 22.62
N ARG A 501 -18.51 22.61 23.91
CA ARG A 501 -18.55 23.59 24.99
C ARG A 501 -17.25 24.40 25.09
N ASP A 502 -16.15 23.81 24.65
CA ASP A 502 -14.85 24.44 24.61
C ASP A 502 -14.66 25.26 23.28
N GLY A 503 -15.69 25.36 22.44
CA GLY A 503 -15.63 26.14 21.21
C GLY A 503 -15.14 25.42 19.96
N VAL A 504 -14.93 24.10 20.05
CA VAL A 504 -14.46 23.33 18.91
C VAL A 504 -15.64 23.10 17.96
N LYS A 505 -15.41 23.26 16.66
CA LYS A 505 -16.44 23.12 15.62
C LYS A 505 -16.53 21.69 15.10
N PRO A 506 -17.74 21.29 14.68
CA PRO A 506 -17.95 19.92 14.21
C PRO A 506 -16.99 19.46 13.12
N GLU A 507 -16.64 20.36 12.19
CA GLU A 507 -15.71 20.10 11.08
C GLU A 507 -14.31 19.73 11.58
N GLN A 508 -13.94 20.22 12.76
CA GLN A 508 -12.67 19.95 13.39
C GLN A 508 -12.60 18.55 14.05
N ILE A 509 -13.73 17.84 14.16
CA ILE A 509 -13.76 16.56 14.87
C ILE A 509 -14.03 15.38 13.94
N GLY A 510 -13.28 14.29 14.12
CA GLY A 510 -13.46 13.07 13.36
C GLY A 510 -13.57 11.87 14.28
N VAL A 511 -14.56 10.99 14.07
CA VAL A 511 -14.74 9.79 14.90
C VAL A 511 -14.42 8.54 14.05
N ILE A 512 -13.39 7.80 14.43
CA ILE A 512 -12.97 6.60 13.70
C ILE A 512 -13.38 5.36 14.43
N THR A 513 -14.07 4.45 13.77
CA THR A 513 -14.48 3.19 14.38
C THR A 513 -14.40 2.07 13.35
N PRO A 514 -13.84 0.92 13.76
CA PRO A 514 -13.68 -0.18 12.80
C PRO A 514 -14.98 -0.83 12.38
N TYR A 515 -16.05 -0.71 13.20
CA TYR A 515 -17.28 -1.44 12.95
C TYR A 515 -18.42 -0.60 12.44
N GLU A 516 -19.09 -1.08 11.41
CA GLU A 516 -20.24 -0.38 10.83
C GLU A 516 -21.42 -0.30 11.85
N GLY A 517 -21.53 -1.29 12.73
CA GLY A 517 -22.52 -1.29 13.78
C GLY A 517 -22.31 -0.09 14.70
N GLN A 518 -21.05 0.16 15.08
CA GLN A 518 -20.70 1.30 15.93
C GLN A 518 -20.84 2.62 15.20
N ARG A 519 -20.51 2.66 13.91
CA ARG A 519 -20.62 3.88 13.14
C ARG A 519 -22.06 4.34 13.05
N ALA A 520 -22.97 3.39 12.82
CA ALA A 520 -24.39 3.68 12.69
C ALA A 520 -24.99 4.06 14.03
N TYR A 521 -24.60 3.34 15.09
CA TYR A 521 -25.11 3.61 16.41
C TYR A 521 -24.67 4.96 16.93
N ILE A 522 -23.37 5.32 16.79
CA ILE A 522 -22.86 6.61 17.25
C ILE A 522 -23.61 7.75 16.55
N LEU A 523 -23.80 7.65 15.25
CA LEU A 523 -24.51 8.66 14.48
C LEU A 523 -25.95 8.84 14.97
N GLN A 524 -26.69 7.73 15.14
CA GLN A 524 -28.07 7.75 15.58
C GLN A 524 -28.20 8.24 17.02
N TYR A 525 -27.31 7.77 17.88
CA TYR A 525 -27.32 8.11 19.29
C TYR A 525 -27.12 9.60 19.53
N MET A 526 -26.20 10.22 18.82
CA MET A 526 -25.95 11.65 18.97
C MET A 526 -27.09 12.49 18.42
N GLN A 527 -27.86 11.95 17.49
CA GLN A 527 -29.01 12.65 16.94
C GLN A 527 -30.15 12.71 17.94
N MET A 528 -30.34 11.63 18.72
CA MET A 528 -31.39 11.57 19.72
C MET A 528 -31.02 12.00 21.12
N ASN A 529 -29.78 11.74 21.55
CA ASN A 529 -29.37 12.04 22.91
C ASN A 529 -28.24 13.03 23.04
N GLY A 530 -27.90 13.73 21.96
CA GLY A 530 -26.88 14.75 22.01
C GLY A 530 -27.38 15.92 22.83
N SER A 531 -26.59 16.34 23.84
CA SER A 531 -26.91 17.45 24.73
C SER A 531 -27.28 18.73 23.99
N LEU A 532 -26.48 19.11 22.99
CA LEU A 532 -26.67 20.33 22.21
C LEU A 532 -27.51 20.08 20.95
N ASP A 533 -27.64 21.10 20.06
CA ASP A 533 -28.43 20.96 18.83
C ASP A 533 -27.94 19.80 17.99
N LYS A 534 -28.87 18.90 17.65
CA LYS A 534 -28.59 17.72 16.83
C LYS A 534 -27.90 18.06 15.51
N ASP A 535 -28.12 19.27 14.98
CA ASP A 535 -27.51 19.73 13.73
C ASP A 535 -26.00 19.92 13.83
N LEU A 536 -25.49 20.11 15.05
CA LEU A 536 -24.06 20.22 15.29
C LEU A 536 -23.40 18.84 15.16
N TYR A 537 -24.00 17.82 15.75
CA TYR A 537 -23.44 16.48 15.75
C TYR A 537 -23.42 15.83 14.37
N ILE A 538 -24.37 16.15 13.50
CA ILE A 538 -24.43 15.58 12.15
C ILE A 538 -23.24 16.00 11.30
N LYS A 539 -22.64 17.18 11.61
CA LYS A 539 -21.48 17.65 10.90
C LYS A 539 -20.16 17.01 11.41
N VAL A 540 -20.23 16.10 12.37
CA VAL A 540 -19.06 15.41 12.91
C VAL A 540 -18.91 14.17 12.09
N GLU A 541 -17.77 14.01 11.40
CA GLU A 541 -17.51 12.86 10.55
C GLU A 541 -17.31 11.56 11.33
N VAL A 542 -18.21 10.57 11.18
CA VAL A 542 -18.03 9.28 11.84
C VAL A 542 -17.80 8.26 10.73
N ALA A 543 -16.61 7.67 10.68
CA ALA A 543 -16.28 6.74 9.58
C ALA A 543 -15.21 5.68 10.06
N SER A 544 -14.65 4.83 9.15
CA SER A 544 -13.57 3.89 9.44
C SER A 544 -12.22 4.58 9.10
N VAL A 545 -11.05 3.93 9.39
CA VAL A 545 -9.76 4.57 9.05
C VAL A 545 -9.65 4.87 7.59
N ASP A 546 -10.18 4.04 6.71
CA ASP A 546 -10.12 4.24 5.25
C ASP A 546 -10.62 5.60 4.83
N ALA A 547 -11.71 6.07 5.42
CA ALA A 547 -12.26 7.37 5.07
C ALA A 547 -11.28 8.49 5.41
N PHE A 548 -10.46 8.33 6.45
CA PHE A 548 -9.53 9.35 6.90
C PHE A 548 -8.11 9.24 6.37
N GLN A 549 -7.77 8.15 5.72
CA GLN A 549 -6.49 7.86 5.05
C GLN A 549 -6.12 9.02 4.14
N GLY A 550 -4.92 9.56 4.32
CA GLY A 550 -4.43 10.69 3.53
C GLY A 550 -4.99 12.05 3.94
N ARG A 551 -5.78 12.10 4.99
CA ARG A 551 -6.40 13.32 5.47
C ARG A 551 -6.02 13.54 6.94
N GLU A 552 -6.49 14.68 7.49
CA GLU A 552 -6.28 15.05 8.87
C GLU A 552 -7.51 15.79 9.43
N LYS A 553 -7.58 15.81 10.77
CA LYS A 553 -8.60 16.47 11.58
C LYS A 553 -7.85 17.09 12.76
N ASP A 554 -8.42 18.14 13.36
CA ASP A 554 -7.83 18.75 14.53
C ASP A 554 -7.99 17.78 15.70
N TYR A 555 -9.20 17.19 15.88
CA TYR A 555 -9.48 16.26 16.98
C TYR A 555 -9.95 14.91 16.47
N ILE A 556 -9.43 13.82 17.05
CA ILE A 556 -9.82 12.46 16.65
C ILE A 556 -10.29 11.64 17.84
N ILE A 557 -11.44 10.94 17.70
CA ILE A 557 -11.95 10.07 18.73
C ILE A 557 -11.91 8.65 18.15
N LEU A 558 -11.23 7.74 18.82
CA LEU A 558 -11.15 6.33 18.37
C LEU A 558 -12.07 5.48 19.24
N SER A 559 -13.07 4.83 18.66
CA SER A 559 -13.93 3.92 19.41
C SER A 559 -13.53 2.48 19.08
N CYS A 560 -12.90 1.79 20.03
CA CYS A 560 -12.40 0.43 19.83
C CYS A 560 -13.46 -0.66 19.75
N VAL A 561 -14.63 -0.44 20.39
CA VAL A 561 -15.82 -1.32 20.43
C VAL A 561 -15.65 -2.67 21.16
N ARG A 562 -14.60 -3.42 20.83
CA ARG A 562 -14.33 -4.76 21.36
C ARG A 562 -14.07 -4.89 22.83
N ALA A 563 -14.91 -5.70 23.49
CA ALA A 563 -14.82 -5.98 24.91
C ALA A 563 -15.60 -7.28 25.23
N ASN A 564 -14.86 -8.36 25.52
CA ASN A 564 -15.43 -9.67 25.84
C ASN A 564 -14.54 -10.46 26.84
N GLU A 565 -15.08 -11.55 27.42
CA GLU A 565 -14.31 -12.34 28.40
C GLU A 565 -13.21 -13.21 27.77
N GLN A 566 -13.32 -13.47 26.46
CA GLN A 566 -12.29 -14.21 25.72
C GLN A 566 -11.10 -13.29 25.32
N GLN A 567 -11.23 -11.96 25.50
CA GLN A 567 -10.23 -10.96 25.15
C GLN A 567 -9.89 -10.96 23.64
N ALA A 568 -10.88 -11.34 22.80
CA ALA A 568 -10.77 -11.37 21.34
C ALA A 568 -11.07 -9.98 20.78
N ILE A 569 -10.19 -9.44 19.90
CA ILE A 569 -10.40 -8.09 19.37
C ILE A 569 -10.51 -8.00 17.84
N GLY A 570 -10.55 -9.15 17.17
CA GLY A 570 -10.72 -9.20 15.73
C GLY A 570 -9.65 -8.46 14.96
N PHE A 571 -10.08 -7.67 13.98
CA PHE A 571 -9.13 -6.92 13.15
C PHE A 571 -8.65 -5.59 13.79
N LEU A 572 -8.98 -5.36 15.10
CA LEU A 572 -8.37 -4.26 15.86
C LEU A 572 -6.86 -4.55 16.04
N ARG A 573 -6.42 -5.81 15.76
CA ARG A 573 -5.07 -6.33 15.79
C ARG A 573 -4.18 -5.64 14.74
N ASP A 574 -4.78 -5.14 13.62
CA ASP A 574 -4.09 -4.50 12.49
C ASP A 574 -3.19 -3.33 12.85
N PRO A 575 -1.86 -3.52 12.73
CA PRO A 575 -0.93 -2.43 13.06
C PRO A 575 -1.02 -1.24 12.12
N ARG A 576 -1.37 -1.50 10.87
CA ARG A 576 -1.43 -0.46 9.88
C ARG A 576 -2.59 0.45 10.08
N ARG A 577 -3.74 -0.11 10.45
CA ARG A 577 -4.94 0.64 10.74
C ARG A 577 -4.77 1.44 12.00
N LEU A 578 -4.09 0.89 13.02
CA LEU A 578 -3.86 1.60 14.25
C LEU A 578 -2.93 2.78 13.99
N ASN A 579 -1.87 2.58 13.19
CA ASN A 579 -0.94 3.62 12.81
C ASN A 579 -1.67 4.79 12.16
N VAL A 580 -2.52 4.53 11.17
CA VAL A 580 -3.25 5.57 10.47
C VAL A 580 -4.19 6.29 11.43
N GLY A 581 -4.90 5.54 12.27
CA GLY A 581 -5.82 6.12 13.22
C GLY A 581 -5.17 7.00 14.28
N LEU A 582 -3.90 6.75 14.60
CA LEU A 582 -3.16 7.53 15.59
C LEU A 582 -2.44 8.75 15.00
N THR A 583 -2.34 8.84 13.68
CA THR A 583 -1.63 9.90 12.99
C THR A 583 -2.53 10.82 12.17
N ARG A 584 -3.80 10.91 12.48
CA ARG A 584 -4.75 11.75 11.74
C ARG A 584 -4.95 13.09 12.42
N ALA A 585 -4.84 13.13 13.75
CA ALA A 585 -5.06 14.34 14.54
C ALA A 585 -3.91 15.31 14.55
N LYS A 586 -4.23 16.59 14.61
CA LYS A 586 -3.29 17.68 14.72
C LYS A 586 -3.20 18.19 16.15
N TYR A 587 -4.36 18.37 16.83
CA TYR A 587 -4.37 18.96 18.18
C TYR A 587 -4.70 17.99 19.34
N GLY A 588 -5.61 17.05 19.16
CA GLY A 588 -6.00 16.16 20.25
C GLY A 588 -6.50 14.79 19.85
N LEU A 589 -6.29 13.80 20.74
CA LEU A 589 -6.71 12.41 20.51
C LEU A 589 -7.37 11.79 21.74
N VAL A 590 -8.56 11.22 21.57
CA VAL A 590 -9.22 10.50 22.66
C VAL A 590 -9.45 9.09 22.18
N ILE A 591 -8.98 8.08 22.92
CA ILE A 591 -9.25 6.69 22.60
C ILE A 591 -10.24 6.13 23.63
N LEU A 592 -11.35 5.54 23.15
CA LEU A 592 -12.34 4.91 24.00
C LEU A 592 -12.17 3.43 23.85
N GLY A 593 -12.06 2.70 24.96
CA GLY A 593 -11.90 1.26 24.89
C GLY A 593 -11.86 0.55 26.21
N ASN A 594 -11.83 -0.78 26.18
CA ASN A 594 -11.76 -1.62 27.37
C ASN A 594 -10.34 -2.17 27.41
N PRO A 595 -9.53 -1.66 28.34
CA PRO A 595 -8.12 -2.09 28.39
C PRO A 595 -7.93 -3.56 28.71
N ARG A 596 -8.83 -4.14 29.54
CA ARG A 596 -8.76 -5.54 29.92
C ARG A 596 -8.64 -6.49 28.72
N SER A 597 -9.45 -6.27 27.67
CA SER A 597 -9.39 -7.10 26.49
C SER A 597 -8.36 -6.64 25.44
N LEU A 598 -8.13 -5.32 25.31
CA LEU A 598 -7.13 -4.80 24.38
C LEU A 598 -5.72 -5.20 24.80
N ALA A 599 -5.44 -5.23 26.11
CA ALA A 599 -4.14 -5.54 26.69
C ALA A 599 -3.60 -6.93 26.37
N ARG A 600 -4.46 -7.88 25.98
CA ARG A 600 -3.96 -9.20 25.59
C ARG A 600 -3.13 -9.10 24.28
N ASN A 601 -3.51 -8.18 23.38
CA ASN A 601 -2.80 -7.87 22.15
C ASN A 601 -1.52 -7.14 22.51
N THR A 602 -0.42 -7.59 21.95
CA THR A 602 0.89 -7.04 22.27
C THR A 602 1.07 -5.59 21.75
N LEU A 603 0.52 -5.23 20.58
CA LEU A 603 0.61 -3.87 20.04
C LEU A 603 -0.16 -2.90 20.93
N TRP A 604 -1.40 -3.24 21.25
CA TRP A 604 -2.24 -2.43 22.13
C TRP A 604 -1.70 -2.37 23.53
N ASN A 605 -1.04 -3.43 24.01
CA ASN A 605 -0.43 -3.40 25.32
C ASN A 605 0.68 -2.34 25.39
N HIS A 606 1.47 -2.21 24.31
CA HIS A 606 2.50 -1.18 24.23
C HIS A 606 1.87 0.21 24.25
N LEU A 607 0.71 0.37 23.60
CA LEU A 607 0.00 1.66 23.56
C LEU A 607 -0.48 2.03 24.96
N LEU A 608 -1.14 1.09 25.66
CA LEU A 608 -1.64 1.32 27.02
C LEU A 608 -0.51 1.68 27.96
N ILE A 609 0.64 0.99 27.82
CA ILE A 609 1.80 1.29 28.65
C ILE A 609 2.33 2.68 28.39
N HIS A 610 2.33 3.11 27.12
CA HIS A 610 2.78 4.44 26.72
C HIS A 610 1.83 5.48 27.35
N PHE A 611 0.52 5.25 27.29
CA PHE A 611 -0.47 6.15 27.86
C PHE A 611 -0.33 6.21 29.38
N ARG A 612 -0.08 5.07 30.01
CA ARG A 612 0.11 5.01 31.45
C ARG A 612 1.36 5.77 31.84
N GLU A 613 2.45 5.65 31.08
CA GLU A 613 3.69 6.39 31.37
C GLU A 613 3.51 7.90 31.28
N LYS A 614 2.63 8.35 30.41
CA LYS A 614 2.31 9.76 30.28
C LYS A 614 1.27 10.27 31.30
N GLY A 615 0.64 9.37 32.05
CA GLY A 615 -0.42 9.67 33.00
C GLY A 615 -1.78 9.87 32.35
N CYS A 616 -1.96 9.33 31.13
CA CYS A 616 -3.12 9.51 30.28
C CYS A 616 -4.10 8.35 30.21
N LEU A 617 -3.81 7.23 30.87
CA LEU A 617 -4.71 6.09 30.85
C LEU A 617 -5.66 6.23 32.06
N VAL A 618 -6.90 6.66 31.80
CA VAL A 618 -7.85 7.00 32.85
C VAL A 618 -9.17 6.27 32.75
N GLU A 619 -9.99 6.36 33.80
CA GLU A 619 -11.32 5.80 33.90
C GLU A 619 -12.19 6.71 34.81
N GLY A 620 -13.48 6.47 34.81
CA GLY A 620 -14.42 7.21 35.61
C GLY A 620 -15.15 8.28 34.83
N THR A 621 -15.76 9.20 35.56
CA THR A 621 -16.55 10.29 35.00
C THR A 621 -15.64 11.34 34.42
N LEU A 622 -16.03 11.95 33.32
CA LEU A 622 -15.21 12.95 32.62
C LEU A 622 -14.78 14.14 33.51
N ASP A 623 -15.62 14.53 34.47
CA ASP A 623 -15.31 15.64 35.40
C ASP A 623 -14.49 15.22 36.63
N ASN A 624 -14.30 13.92 36.84
CA ASN A 624 -13.54 13.42 37.98
C ASN A 624 -12.80 12.17 37.56
N LEU A 625 -11.92 12.32 36.56
CA LEU A 625 -11.15 11.21 36.02
C LEU A 625 -10.12 10.68 37.02
N GLN A 626 -9.91 9.37 36.96
CA GLN A 626 -9.00 8.64 37.83
C GLN A 626 -8.10 7.80 36.98
N LEU A 627 -6.93 7.42 37.49
CA LEU A 627 -6.03 6.54 36.76
C LEU A 627 -6.69 5.18 36.59
N CYS A 628 -6.51 4.59 35.42
CA CYS A 628 -7.09 3.29 35.13
C CYS A 628 -6.38 2.24 35.99
N THR A 629 -7.17 1.35 36.60
CA THR A 629 -6.70 0.31 37.52
C THR A 629 -6.20 -1.00 36.86
N VAL A 630 -6.37 -1.13 35.54
CA VAL A 630 -5.96 -2.35 34.84
C VAL A 630 -4.48 -2.70 35.03
N GLN A 631 -4.20 -3.99 35.21
CA GLN A 631 -2.81 -4.44 35.37
C GLN A 631 -2.24 -4.76 34.00
N LEU A 632 -1.25 -4.00 33.57
CA LEU A 632 -0.61 -4.23 32.27
C LEU A 632 0.71 -4.96 32.50
N VAL A 633 0.91 -6.09 31.81
CA VAL A 633 2.15 -6.84 31.97
C VAL A 633 2.86 -7.05 30.61
N ARG A 634 4.07 -6.49 30.46
CA ARG A 634 4.89 -6.62 29.24
C ARG A 634 5.56 -8.00 29.19
N GLY B 3 24.75 -34.58 -8.16
CA GLY B 3 25.96 -33.82 -8.48
C GLY B 3 27.00 -33.83 -7.38
N SER B 4 28.22 -33.31 -7.69
CA SER B 4 29.38 -33.29 -6.78
C SER B 4 29.52 -32.03 -5.89
N THR B 5 28.94 -30.88 -6.30
CA THR B 5 28.97 -29.66 -5.47
C THR B 5 27.91 -29.84 -4.35
N GLN B 6 28.22 -29.49 -3.09
CA GLN B 6 27.27 -29.68 -1.99
C GLN B 6 27.11 -28.46 -1.11
N TYR B 7 25.86 -28.05 -0.88
CA TYR B 7 25.53 -26.92 -0.03
C TYR B 7 24.94 -27.42 1.26
N ASN B 8 25.39 -26.85 2.38
CA ASN B 8 24.96 -27.25 3.72
C ASN B 8 24.27 -26.07 4.39
N PHE B 9 22.94 -26.17 4.60
CA PHE B 9 22.12 -25.08 5.13
C PHE B 9 21.34 -25.35 6.39
N ILE B 10 21.31 -24.35 7.27
CA ILE B 10 20.45 -24.32 8.45
C ILE B 10 19.34 -23.36 8.01
N ILE B 11 18.08 -23.82 7.94
CA ILE B 11 16.99 -22.97 7.44
C ILE B 11 16.08 -22.46 8.53
N ASP B 12 15.92 -21.14 8.64
CA ASP B 12 15.05 -20.55 9.66
C ASP B 12 13.55 -20.51 9.22
N ALA B 13 12.64 -20.06 10.10
CA ALA B 13 11.22 -20.01 9.79
C ALA B 13 10.86 -18.99 8.71
N SER B 14 11.42 -17.78 8.77
CA SER B 14 11.16 -16.73 7.78
C SER B 14 11.52 -17.17 6.35
N ALA B 15 12.60 -17.94 6.20
CA ALA B 15 13.01 -18.46 4.90
C ALA B 15 11.91 -19.37 4.32
N PHE B 16 11.25 -20.19 5.15
CA PHE B 16 10.15 -21.05 4.72
C PHE B 16 8.88 -20.25 4.43
N GLU B 17 8.44 -19.39 5.37
CA GLU B 17 7.23 -18.60 5.19
C GLU B 17 7.29 -17.69 3.95
N LYS B 18 8.46 -17.07 3.67
CA LYS B 18 8.61 -16.19 2.52
C LYS B 18 9.08 -16.88 1.23
N GLY B 19 9.93 -17.89 1.36
CA GLY B 19 10.50 -18.55 0.19
C GLY B 19 10.18 -20.02 -0.06
N LEU B 20 9.04 -20.51 0.44
CA LEU B 20 8.64 -21.90 0.26
C LEU B 20 8.60 -22.35 -1.23
N GLY B 21 8.09 -21.52 -2.13
CA GLY B 21 8.02 -21.87 -3.55
C GLY B 21 9.39 -22.05 -4.16
N ASN B 22 10.34 -21.18 -3.78
CA ASN B 22 11.71 -21.27 -4.22
C ASN B 22 12.37 -22.53 -3.65
N ILE B 23 12.21 -22.81 -2.34
CA ILE B 23 12.76 -24.01 -1.70
C ILE B 23 12.22 -25.29 -2.36
N LYS B 24 10.93 -25.34 -2.70
CA LYS B 24 10.35 -26.51 -3.37
C LYS B 24 10.98 -26.76 -4.71
N ARG B 25 11.28 -25.69 -5.45
CA ARG B 25 11.93 -25.82 -6.75
C ARG B 25 13.36 -26.36 -6.59
N TRP B 26 14.08 -25.95 -5.53
CA TRP B 26 15.44 -26.42 -5.28
C TRP B 26 15.46 -27.93 -5.09
N CYS B 27 14.49 -28.43 -4.33
CA CYS B 27 14.37 -29.84 -3.97
C CYS B 27 14.06 -30.73 -5.17
N SER B 28 13.14 -30.30 -6.04
CA SER B 28 12.74 -31.12 -7.18
C SER B 28 13.62 -30.96 -8.41
N ASP B 29 14.05 -29.73 -8.72
CA ASP B 29 14.80 -29.48 -9.94
C ASP B 29 16.31 -29.42 -9.76
N CME B 30 16.78 -28.69 -8.75
CA CME B 30 18.21 -28.45 -8.54
CB CME B 30 18.62 -27.25 -7.72
SG CME B 30 17.57 -25.80 -8.00
SD CME B 30 17.08 -25.41 -10.01
CE CME B 30 17.29 -23.61 -10.23
CZ CME B 30 16.59 -22.87 -9.10
OH CME B 30 16.84 -21.52 -9.27
C CME B 30 19.01 -29.63 -8.01
O CME B 30 20.24 -29.58 -8.10
N THR B 31 18.36 -30.68 -7.49
CA THR B 31 19.12 -31.84 -6.98
C THR B 31 19.71 -32.71 -8.15
N GLU B 32 19.79 -32.14 -9.39
CA GLU B 32 20.36 -32.82 -10.54
C GLU B 32 21.89 -32.82 -10.42
N ALA B 33 22.51 -31.63 -10.48
CA ALA B 33 23.97 -31.48 -10.35
C ALA B 33 24.42 -30.88 -8.99
N VAL B 34 23.48 -30.64 -8.07
CA VAL B 34 23.81 -30.11 -6.76
C VAL B 34 23.30 -31.05 -5.68
N THR B 35 24.05 -31.20 -4.59
CA THR B 35 23.61 -31.97 -3.45
C THR B 35 23.23 -30.96 -2.36
N LEU B 36 21.98 -31.01 -1.90
CA LEU B 36 21.50 -30.09 -0.86
C LEU B 36 21.42 -30.79 0.48
N ASN B 37 21.96 -30.17 1.51
CA ASN B 37 21.99 -30.75 2.85
C ASN B 37 21.37 -29.76 3.85
N PHE B 38 20.14 -30.05 4.32
CA PHE B 38 19.41 -29.18 5.23
C PHE B 38 19.42 -29.65 6.68
N TYR B 39 19.46 -28.70 7.59
CA TYR B 39 19.37 -28.94 9.01
C TYR B 39 18.25 -28.03 9.50
N ILE B 40 17.18 -28.60 10.05
CA ILE B 40 16.05 -27.81 10.51
C ILE B 40 16.10 -27.68 12.02
N PRO B 41 16.46 -26.50 12.54
CA PRO B 41 16.52 -26.34 14.00
C PRO B 41 15.14 -26.31 14.67
N THR B 42 15.11 -26.54 16.00
CA THR B 42 13.88 -26.51 16.80
C THR B 42 13.19 -25.14 16.66
N PHE B 43 13.98 -24.05 16.57
CA PHE B 43 13.49 -22.69 16.38
C PHE B 43 12.50 -22.62 15.21
N THR B 44 12.88 -23.22 14.07
CA THR B 44 12.09 -23.22 12.85
C THR B 44 10.73 -23.87 13.04
N LEU B 45 10.71 -25.09 13.62
CA LEU B 45 9.46 -25.83 13.84
C LEU B 45 8.54 -25.09 14.83
N ASN B 46 9.11 -24.53 15.90
CA ASN B 46 8.34 -23.80 16.90
C ASN B 46 7.80 -22.47 16.34
N GLU B 47 8.62 -21.74 15.59
CA GLU B 47 8.20 -20.47 15.01
C GLU B 47 7.17 -20.66 13.88
N LEU B 48 7.32 -21.72 13.06
CA LEU B 48 6.32 -22.00 12.01
C LEU B 48 4.99 -22.43 12.66
N ASP B 49 5.03 -23.19 13.78
CA ASP B 49 3.80 -23.57 14.47
C ASP B 49 3.11 -22.35 15.06
N PHE B 50 3.90 -21.41 15.62
CA PHE B 50 3.39 -20.16 16.15
C PHE B 50 2.69 -19.36 15.04
N LEU B 51 3.33 -19.21 13.88
CA LEU B 51 2.78 -18.45 12.76
C LEU B 51 1.48 -19.07 12.23
N GLN B 52 1.43 -20.40 12.14
CA GLN B 52 0.25 -21.14 11.67
C GLN B 52 -0.93 -21.00 12.64
N GLN B 53 -0.67 -21.10 13.95
CA GLN B 53 -1.70 -21.02 14.97
C GLN B 53 -2.11 -19.59 15.36
N ARG B 54 -1.16 -18.75 15.80
CA ARG B 54 -1.45 -17.40 16.26
C ARG B 54 -1.60 -16.36 15.12
N ARG B 55 -0.93 -16.54 13.97
CA ARG B 55 -1.07 -15.57 12.87
C ARG B 55 -1.88 -16.08 11.68
N LYS B 56 -2.42 -17.32 11.76
CA LYS B 56 -3.20 -17.98 10.71
C LYS B 56 -2.47 -17.96 9.37
N SER B 57 -1.14 -18.16 9.41
CA SER B 57 -0.31 -18.16 8.22
C SER B 57 -0.46 -19.48 7.46
N PHE B 58 -1.06 -19.43 6.28
CA PHE B 58 -1.20 -20.62 5.46
C PHE B 58 0.17 -21.05 4.87
N ALA B 59 1.11 -20.10 4.64
CA ALA B 59 2.46 -20.41 4.17
C ALA B 59 3.23 -21.21 5.24
N ALA B 60 3.02 -20.87 6.53
CA ALA B 60 3.66 -21.59 7.63
C ALA B 60 3.05 -22.99 7.79
N ARG B 61 1.74 -23.14 7.54
CA ARG B 61 1.05 -24.45 7.58
C ARG B 61 1.63 -25.34 6.46
N GLU B 62 1.77 -24.79 5.24
CA GLU B 62 2.31 -25.49 4.08
C GLU B 62 3.79 -25.84 4.27
N SER B 63 4.55 -24.96 4.94
CA SER B 63 5.96 -25.21 5.21
C SER B 63 6.14 -26.41 6.14
N LEU B 64 5.31 -26.53 7.18
CA LEU B 64 5.37 -27.66 8.12
C LEU B 64 5.02 -28.98 7.42
N LYS B 65 4.04 -28.93 6.51
CA LYS B 65 3.61 -30.09 5.71
C LYS B 65 4.76 -30.51 4.77
N PHE B 66 5.43 -29.53 4.16
CA PHE B 66 6.57 -29.74 3.26
C PHE B 66 7.76 -30.34 4.02
N ILE B 67 8.02 -29.86 5.24
CA ILE B 67 9.11 -30.41 6.06
C ILE B 67 8.86 -31.89 6.38
N ASP B 68 7.59 -32.26 6.65
CA ASP B 68 7.21 -33.65 6.90
C ASP B 68 7.46 -34.51 5.68
N ARG B 69 7.12 -34.00 4.48
CA ARG B 69 7.36 -34.69 3.22
C ARG B 69 8.85 -34.94 3.00
N LEU B 70 9.69 -33.93 3.33
CA LEU B 70 11.15 -33.99 3.20
C LEU B 70 11.74 -35.07 4.11
N ASP B 71 11.23 -35.16 5.35
CA ASP B 71 11.70 -36.12 6.34
C ASP B 71 11.25 -37.56 6.06
N ASP B 72 10.13 -37.73 5.32
CA ASP B 72 9.55 -39.03 4.97
C ASP B 72 10.07 -39.61 3.65
N SER B 73 10.62 -38.76 2.76
CA SER B 73 11.11 -39.18 1.45
C SER B 73 12.59 -39.53 1.43
N LYS B 74 12.95 -40.51 0.60
CA LYS B 74 14.34 -40.92 0.40
C LYS B 74 14.81 -40.34 -0.94
N PHE B 75 14.81 -39.00 -1.04
CA PHE B 75 15.19 -38.35 -2.29
C PHE B 75 16.69 -38.37 -2.55
N ALA B 76 17.04 -38.47 -3.84
CA ALA B 76 18.44 -38.50 -4.25
C ALA B 76 19.00 -37.09 -4.25
N ASN B 77 20.23 -36.95 -3.72
CA ASN B 77 20.98 -35.70 -3.62
C ASN B 77 20.31 -34.66 -2.71
N LEU B 78 19.49 -35.11 -1.75
CA LEU B 78 18.86 -34.21 -0.79
C LEU B 78 18.84 -34.86 0.58
N LYS B 79 19.58 -34.29 1.53
CA LYS B 79 19.60 -34.78 2.91
C LYS B 79 18.90 -33.78 3.80
N VAL B 80 18.03 -34.26 4.70
CA VAL B 80 17.32 -33.39 5.62
C VAL B 80 17.44 -33.97 7.01
N PHE B 81 17.82 -33.16 7.99
CA PHE B 81 17.90 -33.62 9.37
C PHE B 81 17.13 -32.67 10.26
N ILE B 82 16.11 -33.19 10.97
CA ILE B 82 15.36 -32.35 11.89
C ILE B 82 16.01 -32.47 13.27
N GLU B 83 16.38 -31.33 13.85
CA GLU B 83 17.03 -31.24 15.15
C GLU B 83 16.27 -31.94 16.28
N PHE B 84 17.01 -32.64 17.16
CA PHE B 84 16.46 -33.26 18.35
C PHE B 84 16.48 -32.15 19.39
N PRO B 85 15.32 -31.78 19.98
CA PRO B 85 15.31 -30.67 20.94
C PRO B 85 16.27 -30.78 22.13
N GLU B 86 16.58 -32.01 22.58
CA GLU B 86 17.47 -32.20 23.71
C GLU B 86 18.92 -31.75 23.43
N VAL B 87 19.30 -31.58 22.15
CA VAL B 87 20.64 -31.10 21.80
C VAL B 87 20.88 -29.66 22.34
N LEU B 88 19.82 -28.86 22.46
CA LEU B 88 19.92 -27.48 22.99
C LEU B 88 20.38 -27.44 24.44
N ASP B 89 20.05 -28.47 25.24
CA ASP B 89 20.50 -28.54 26.62
C ASP B 89 21.95 -29.00 26.77
N ILE B 90 22.53 -29.61 25.72
CA ILE B 90 23.91 -30.08 25.73
C ILE B 90 24.86 -28.98 25.24
N ILE B 91 24.45 -28.22 24.20
CA ILE B 91 25.26 -27.13 23.66
C ILE B 91 25.46 -26.04 24.72
N LEU B 92 26.73 -25.69 24.99
CA LEU B 92 27.03 -24.67 26.00
C LEU B 92 26.81 -23.28 25.46
N TRP B 93 26.22 -22.40 26.29
CA TRP B 93 26.07 -21.00 25.91
C TRP B 93 27.46 -20.32 25.82
N SER B 94 28.45 -20.80 26.61
CA SER B 94 29.83 -20.30 26.57
C SER B 94 30.47 -20.57 25.20
N ASP B 95 30.08 -21.66 24.52
CA ASP B 95 30.57 -21.97 23.18
C ASP B 95 30.06 -20.95 22.14
N VAL B 96 28.83 -20.45 22.34
CA VAL B 96 28.25 -19.42 21.48
C VAL B 96 29.02 -18.11 21.72
N MET B 97 29.23 -17.77 23.01
CA MET B 97 29.94 -16.54 23.41
C MET B 97 31.40 -16.48 22.94
N GLU B 98 32.04 -17.64 22.73
CA GLU B 98 33.41 -17.68 22.21
C GLU B 98 33.47 -17.16 20.75
N HIS B 99 32.36 -17.30 19.99
CA HIS B 99 32.31 -16.83 18.60
C HIS B 99 31.65 -15.45 18.43
N ASN B 100 31.12 -14.87 19.51
CA ASN B 100 30.49 -13.56 19.48
C ASN B 100 31.53 -12.44 19.46
N ASP B 101 31.29 -11.43 18.61
CA ASP B 101 32.16 -10.25 18.55
C ASP B 101 31.72 -9.34 19.69
N SER B 102 32.62 -9.13 20.69
CA SER B 102 32.35 -8.28 21.86
C SER B 102 31.97 -6.86 21.43
N SER B 103 32.72 -6.31 20.46
CA SER B 103 32.46 -4.97 19.90
C SER B 103 31.12 -4.82 19.17
N GLY B 104 30.41 -5.93 18.96
CA GLY B 104 29.13 -5.95 18.28
C GLY B 104 28.06 -5.20 19.05
N LYS B 105 27.14 -4.57 18.32
CA LYS B 105 26.07 -3.73 18.86
C LYS B 105 24.91 -4.49 19.52
N ILE B 106 24.74 -5.78 19.20
CA ILE B 106 23.64 -6.57 19.77
C ILE B 106 24.00 -7.15 21.11
N ASN B 107 23.12 -7.03 22.11
CA ASN B 107 23.35 -7.61 23.44
C ASN B 107 22.85 -9.05 23.35
N ILE B 108 23.74 -9.97 22.93
CA ILE B 108 23.47 -11.38 22.69
C ILE B 108 22.91 -12.13 23.91
N ALA B 109 23.43 -11.86 25.11
CA ALA B 109 22.96 -12.50 26.33
C ALA B 109 21.54 -12.08 26.75
N LYS B 110 21.05 -10.94 26.23
CA LYS B 110 19.70 -10.43 26.55
C LYS B 110 18.63 -10.81 25.52
N LEU B 111 18.99 -11.60 24.49
CA LEU B 111 18.05 -12.03 23.45
C LEU B 111 17.02 -12.99 24.03
N PRO B 112 15.79 -13.04 23.45
CA PRO B 112 14.79 -14.00 23.95
C PRO B 112 15.21 -15.46 23.79
N LYS B 113 14.61 -16.38 24.58
CA LYS B 113 14.91 -17.82 24.59
C LYS B 113 15.00 -18.44 23.19
N ARG B 114 14.00 -18.16 22.32
CA ARG B 114 13.94 -18.69 20.95
C ARG B 114 15.19 -18.34 20.17
N LEU B 115 15.65 -17.09 20.27
CA LEU B 115 16.80 -16.64 19.51
C LEU B 115 18.12 -17.12 20.08
N LYS B 116 18.19 -17.30 21.42
CA LYS B 116 19.37 -17.87 22.08
C LYS B 116 19.57 -19.31 21.57
N ASN B 117 18.47 -20.07 21.48
CA ASN B 117 18.51 -21.45 21.01
C ASN B 117 18.81 -21.57 19.52
N LEU B 118 18.38 -20.58 18.71
CA LEU B 118 18.71 -20.59 17.28
C LEU B 118 20.24 -20.39 17.12
N LEU B 119 20.84 -19.50 17.94
CA LEU B 119 22.28 -19.28 17.93
C LEU B 119 23.06 -20.55 18.35
N LYS B 120 22.52 -21.29 19.33
CA LYS B 120 23.13 -22.54 19.77
C LYS B 120 23.17 -23.55 18.63
N SER B 121 22.04 -23.70 17.90
CA SER B 121 21.93 -24.60 16.77
C SER B 121 22.95 -24.25 15.69
N CYS B 122 23.10 -22.95 15.38
CA CYS B 122 24.03 -22.47 14.37
C CYS B 122 25.48 -22.73 14.71
N ILE B 123 25.88 -22.40 15.95
CA ILE B 123 27.25 -22.62 16.40
C ILE B 123 27.58 -24.11 16.44
N TYR B 124 26.59 -24.96 16.81
CA TYR B 124 26.73 -26.42 16.84
C TYR B 124 27.14 -26.93 15.44
N LYS B 125 26.47 -26.44 14.40
CA LYS B 125 26.76 -26.85 13.04
C LYS B 125 28.03 -26.20 12.47
N CYS B 126 28.21 -24.89 12.69
CA CYS B 126 29.35 -24.18 12.13
C CYS B 126 30.69 -24.53 12.77
N TYR B 127 30.72 -24.73 14.09
CA TYR B 127 31.98 -24.92 14.79
C TYR B 127 32.10 -26.13 15.71
N LEU B 128 30.98 -26.73 16.16
CA LEU B 128 31.05 -27.80 17.14
C LEU B 128 30.87 -29.22 16.50
N GLU B 129 30.41 -30.22 17.27
CA GLU B 129 30.23 -31.61 16.86
C GLU B 129 29.34 -31.81 15.63
N GLY B 130 28.45 -30.87 15.36
CA GLY B 130 27.55 -30.97 14.22
C GLY B 130 28.14 -30.56 12.89
N ASN B 131 29.43 -30.13 12.89
CA ASN B 131 30.12 -29.66 11.70
C ASN B 131 30.36 -30.72 10.62
N GLU B 132 30.90 -31.89 11.00
CA GLU B 132 31.19 -33.03 10.10
C GLU B 132 32.22 -32.73 8.99
N GLY B 133 33.04 -31.70 9.19
CA GLY B 133 34.02 -31.27 8.20
C GLY B 133 33.40 -30.54 7.01
N LEU B 134 32.17 -29.99 7.19
CA LEU B 134 31.41 -29.29 6.17
C LEU B 134 31.31 -27.77 6.44
N HIS B 135 31.04 -26.99 5.41
CA HIS B 135 30.89 -25.54 5.55
C HIS B 135 29.39 -25.22 5.62
N TRP B 136 28.90 -24.66 6.73
CA TRP B 136 27.48 -24.38 6.91
C TRP B 136 27.10 -22.93 6.78
N PHE B 137 25.89 -22.68 6.27
CA PHE B 137 25.33 -21.35 6.08
C PHE B 137 23.93 -21.32 6.67
N LEU B 138 23.55 -20.20 7.29
CA LEU B 138 22.20 -20.02 7.79
C LEU B 138 21.40 -19.32 6.70
N ILE B 139 20.21 -19.83 6.34
CA ILE B 139 19.34 -19.17 5.38
C ILE B 139 18.25 -18.48 6.19
N SER B 140 18.12 -17.17 6.00
CA SER B 140 17.11 -16.39 6.70
C SER B 140 16.60 -15.23 5.88
N GLU B 141 15.33 -14.90 6.09
CA GLU B 141 14.66 -13.74 5.49
C GLU B 141 14.31 -12.68 6.55
N ASP B 142 14.98 -12.71 7.71
CA ASP B 142 14.75 -11.80 8.82
C ASP B 142 16.05 -11.04 9.08
N PRO B 143 16.04 -9.71 8.89
CA PRO B 143 17.27 -8.93 9.11
C PRO B 143 17.84 -9.04 10.52
N GLN B 144 16.99 -9.10 11.56
CA GLN B 144 17.46 -9.24 12.95
C GLN B 144 18.24 -10.55 13.12
N ILE B 145 17.73 -11.65 12.55
CA ILE B 145 18.38 -12.96 12.61
C ILE B 145 19.72 -12.95 11.87
N ARG B 146 19.76 -12.32 10.70
CA ARG B 146 21.00 -12.25 9.93
C ARG B 146 22.06 -11.38 10.61
N GLU B 147 21.62 -10.31 11.30
CA GLU B 147 22.51 -9.43 12.04
C GLU B 147 23.12 -10.16 13.25
N MET B 148 22.31 -10.89 14.03
CA MET B 148 22.85 -11.62 15.18
C MET B 148 23.75 -12.78 14.75
N ALA B 149 23.46 -13.42 13.61
CA ALA B 149 24.28 -14.50 13.10
C ALA B 149 25.64 -13.97 12.65
N MET B 150 25.67 -12.81 11.97
CA MET B 150 26.92 -12.19 11.50
C MET B 150 27.82 -11.84 12.68
N GLN B 151 27.22 -11.31 13.77
CA GLN B 151 27.98 -10.95 14.97
C GLN B 151 28.68 -12.17 15.61
N CYS B 152 28.03 -13.36 15.51
CA CYS B 152 28.58 -14.63 16.04
C CYS B 152 29.37 -15.45 15.00
N ASN B 153 29.86 -14.78 13.93
CA ASN B 153 30.64 -15.40 12.84
C ASN B 153 29.93 -16.59 12.18
N ILE B 154 28.60 -16.51 12.04
CA ILE B 154 27.81 -17.53 11.37
C ILE B 154 27.51 -16.96 10.01
N PRO B 155 28.02 -17.56 8.92
CA PRO B 155 27.74 -17.00 7.59
C PRO B 155 26.27 -17.19 7.25
N SER B 156 25.62 -16.13 6.76
CA SER B 156 24.21 -16.23 6.41
C SER B 156 23.91 -15.72 5.02
N CYS B 157 22.81 -16.20 4.45
CA CYS B 157 22.38 -15.80 3.12
C CYS B 157 20.85 -15.74 3.03
N SER B 158 20.34 -15.06 2.02
CA SER B 158 18.91 -14.96 1.78
C SER B 158 18.47 -16.09 0.82
N ILE B 159 17.15 -16.22 0.60
CA ILE B 159 16.61 -17.21 -0.33
C ILE B 159 17.09 -16.86 -1.76
N VAL B 160 17.09 -15.56 -2.11
CA VAL B 160 17.51 -15.06 -3.42
C VAL B 160 18.99 -15.37 -3.66
N ASP B 161 19.84 -15.26 -2.60
CA ASP B 161 21.27 -15.56 -2.68
C ASP B 161 21.45 -17.02 -3.10
N VAL B 162 20.72 -17.94 -2.45
CA VAL B 162 20.79 -19.36 -2.78
C VAL B 162 20.22 -19.67 -4.15
N ASP B 163 19.07 -19.07 -4.50
CA ASP B 163 18.45 -19.28 -5.81
C ASP B 163 19.39 -18.86 -6.94
N SER B 164 20.16 -17.77 -6.76
CA SER B 164 21.11 -17.31 -7.77
C SER B 164 22.31 -18.27 -7.92
N ILE B 165 22.81 -18.78 -6.78
CA ILE B 165 23.91 -19.73 -6.71
C ILE B 165 23.50 -21.05 -7.36
N LEU B 166 22.28 -21.52 -7.13
CA LEU B 166 21.81 -22.78 -7.73
C LEU B 166 21.45 -22.65 -9.22
N SER B 167 21.19 -21.45 -9.70
CA SER B 167 20.96 -21.21 -11.11
C SER B 167 22.30 -21.25 -11.87
N LYS B 168 23.40 -20.80 -11.22
CA LYS B 168 24.76 -20.80 -11.74
C LYS B 168 25.24 -22.25 -11.93
N ASP B 169 25.00 -23.10 -10.93
CA ASP B 169 25.36 -24.52 -10.95
C ASP B 169 24.51 -25.30 -11.97
N MET B 170 23.22 -25.01 -12.01
CA MET B 170 22.33 -25.63 -13.00
C MET B 170 22.66 -25.13 -14.44
N ASN B 171 23.28 -23.91 -14.54
CA ASN B 171 23.69 -23.17 -15.73
C ASN B 171 22.48 -22.82 -16.60
N ASP B 172 21.36 -22.42 -15.96
CA ASP B 172 20.16 -22.11 -16.73
C ASP B 172 20.23 -20.72 -17.40
N LYS B 173 19.33 -20.50 -18.38
CA LYS B 173 19.22 -19.28 -19.14
C LYS B 173 19.14 -18.02 -18.24
N SER B 174 18.56 -18.14 -17.02
CA SER B 174 18.46 -16.99 -16.11
C SER B 174 19.86 -16.54 -15.65
N PHE B 175 20.71 -17.49 -15.29
CA PHE B 175 22.07 -17.22 -14.92
C PHE B 175 22.87 -16.67 -16.14
N ARG B 176 22.83 -17.35 -17.29
CA ARG B 176 23.62 -16.94 -18.44
C ARG B 176 23.29 -15.57 -18.95
N GLU B 177 21.99 -15.22 -19.00
CA GLU B 177 21.60 -13.90 -19.49
C GLU B 177 21.91 -12.79 -18.50
N SER B 178 21.89 -13.07 -17.21
CA SER B 178 22.24 -12.06 -16.20
C SER B 178 23.76 -11.85 -16.20
N GLU B 179 24.55 -12.90 -16.50
CA GLU B 179 25.99 -12.84 -16.59
C GLU B 179 26.39 -11.96 -17.80
N LYS B 180 25.66 -12.07 -18.93
CA LYS B 180 25.93 -11.23 -20.10
C LYS B 180 25.65 -9.76 -19.75
N PHE B 181 24.60 -9.51 -18.99
CA PHE B 181 24.23 -8.17 -18.58
C PHE B 181 25.30 -7.56 -17.69
N ASN B 182 25.81 -8.34 -16.72
CA ASN B 182 26.86 -7.89 -15.80
C ASN B 182 28.09 -7.51 -16.56
N ASN B 183 28.57 -8.39 -17.46
CA ASN B 183 29.75 -8.11 -18.25
C ASN B 183 29.54 -6.96 -19.21
N MET B 184 28.29 -6.67 -19.58
CA MET B 184 27.99 -5.54 -20.44
C MET B 184 28.17 -4.22 -19.68
N MET B 185 27.83 -4.22 -18.40
CA MET B 185 27.96 -3.08 -17.50
C MET B 185 29.40 -2.85 -17.17
N LEU B 186 30.17 -3.94 -16.92
CA LEU B 186 31.59 -3.85 -16.63
C LEU B 186 32.32 -3.25 -17.82
N LYS B 187 31.96 -3.65 -19.04
CA LYS B 187 32.56 -3.14 -20.28
C LYS B 187 32.25 -1.65 -20.54
N ASN B 188 30.96 -1.26 -20.48
CA ASN B 188 30.53 0.12 -20.72
C ASN B 188 30.08 0.72 -19.38
N GLY B 189 30.98 1.42 -18.71
CA GLY B 189 30.69 1.97 -17.39
C GLY B 189 31.91 2.02 -16.50
N THR B 190 31.95 3.03 -15.62
CA THR B 190 33.07 3.25 -14.71
C THR B 190 32.83 2.67 -13.30
N LYS B 191 33.70 1.77 -12.84
CA LYS B 191 33.58 1.18 -11.51
C LYS B 191 33.98 2.19 -10.45
N GLU B 192 33.22 2.26 -9.36
CA GLU B 192 33.48 3.17 -8.25
C GLU B 192 33.22 2.49 -6.92
N GLU B 193 33.94 2.91 -5.89
CA GLU B 193 33.70 2.42 -4.53
C GLU B 193 32.85 3.53 -3.90
N SER B 194 31.53 3.27 -3.72
CA SER B 194 30.60 4.25 -3.15
C SER B 194 30.89 4.56 -1.64
N GLU B 195 30.25 5.62 -1.06
CA GLU B 195 30.45 5.99 0.35
C GLU B 195 30.08 4.82 1.31
N ASN B 196 29.06 4.02 0.91
CA ASN B 196 28.58 2.81 1.59
C ASN B 196 29.62 1.65 1.56
N GLY B 197 30.65 1.76 0.72
CA GLY B 197 31.68 0.75 0.50
C GLY B 197 31.34 -0.24 -0.61
N ARG B 198 30.15 -0.08 -1.23
CA ARG B 198 29.63 -0.95 -2.27
C ARG B 198 30.28 -0.75 -3.65
N GLU B 199 30.07 -1.74 -4.53
CA GLU B 199 30.58 -1.73 -5.89
C GLU B 199 29.52 -1.17 -6.82
N ILE B 200 29.68 0.10 -7.22
CA ILE B 200 28.75 0.79 -8.11
C ILE B 200 29.37 1.03 -9.50
N ILE B 201 28.55 1.00 -10.55
CA ILE B 201 29.03 1.25 -11.89
C ILE B 201 28.32 2.46 -12.50
N ARG B 202 29.05 3.57 -12.72
CA ARG B 202 28.45 4.76 -13.34
C ARG B 202 28.19 4.46 -14.80
N THR B 203 26.99 4.76 -15.26
CA THR B 203 26.59 4.55 -16.64
C THR B 203 25.93 5.81 -17.21
N ASN B 204 25.86 5.91 -18.53
CA ASN B 204 25.23 7.02 -19.21
C ASN B 204 23.71 6.72 -19.22
N PHE B 205 22.87 7.68 -18.78
CA PHE B 205 21.42 7.45 -18.79
C PHE B 205 20.88 7.19 -20.19
N ASN B 206 21.48 7.82 -21.20
CA ASN B 206 21.08 7.74 -22.61
C ASN B 206 21.51 6.47 -23.34
N LYS B 207 22.36 5.65 -22.71
CA LYS B 207 22.76 4.39 -23.32
C LYS B 207 22.19 3.25 -22.46
N THR B 208 21.16 2.57 -22.97
CA THR B 208 20.50 1.53 -22.19
C THR B 208 20.57 0.17 -22.85
N VAL B 209 20.75 -0.88 -22.02
CA VAL B 209 20.77 -2.27 -22.39
C VAL B 209 19.42 -2.90 -22.04
N TYR B 210 18.77 -3.55 -23.01
CA TYR B 210 17.52 -4.26 -22.80
C TYR B 210 17.82 -5.72 -22.60
N ALA B 211 17.02 -6.39 -21.79
CA ALA B 211 17.23 -7.80 -21.50
C ALA B 211 16.41 -8.74 -22.42
N SER B 212 17.08 -9.66 -23.11
CA SER B 212 16.39 -10.65 -23.96
C SER B 212 15.45 -11.50 -23.10
N ARG B 213 14.25 -11.71 -23.62
CA ARG B 213 13.22 -12.40 -22.88
C ARG B 213 13.21 -13.91 -23.06
N GLY B 214 13.69 -14.39 -24.21
CA GLY B 214 13.63 -15.79 -24.56
C GLY B 214 12.20 -16.23 -24.85
N THR B 215 11.98 -17.53 -24.96
CA THR B 215 10.64 -18.06 -25.21
C THR B 215 9.98 -18.51 -23.92
N GLY B 216 8.66 -18.57 -23.93
CA GLY B 216 7.92 -18.97 -22.74
C GLY B 216 6.43 -19.03 -22.90
N GLU B 217 5.80 -19.61 -21.88
CA GLU B 217 4.38 -19.74 -21.83
C GLU B 217 3.73 -18.76 -20.86
N LEU B 218 2.76 -18.03 -21.39
CA LEU B 218 1.97 -17.09 -20.64
C LEU B 218 0.70 -17.78 -20.14
N TRP B 219 0.16 -17.28 -19.05
CA TRP B 219 -1.13 -17.72 -18.55
C TRP B 219 -2.19 -17.12 -19.52
N SER B 220 -3.28 -17.84 -19.73
CA SER B 220 -4.39 -17.35 -20.55
C SER B 220 -5.65 -17.62 -19.75
N PRO B 221 -6.68 -16.76 -19.85
CA PRO B 221 -7.93 -17.07 -19.14
C PRO B 221 -8.66 -18.25 -19.81
C1 EDO C . 0.43 8.28 21.25
O1 EDO C . 1.50 9.29 21.17
C2 EDO C . -0.93 8.49 20.48
O2 EDO C . -0.82 8.78 19.08
C1 SIN D . 2.41 13.77 4.09
O1 SIN D . 2.60 14.96 4.33
O2 SIN D . 3.41 12.93 3.80
C2 SIN D . 1.02 13.17 4.09
C3 SIN D . 0.87 11.79 4.72
C4 SIN D . -0.51 11.48 5.23
O3 SIN D . -1.49 12.13 4.95
O4 SIN D . -0.59 10.44 6.03
C1 EDO E . 7.22 1.72 -24.77
O1 EDO E . 7.96 0.55 -25.12
C2 EDO E . 5.73 1.65 -25.24
O2 EDO E . 4.86 2.56 -24.52
C1 EDO F . 11.54 23.72 -2.75
O1 EDO F . 12.32 22.72 -3.35
C2 EDO F . 10.12 23.63 -3.33
O2 EDO F . 9.22 24.29 -2.44
C1 EDO G . -9.20 24.01 18.14
O1 EDO G . -10.18 25.03 18.45
C2 EDO G . -7.86 24.57 17.57
O2 EDO G . -7.96 24.89 16.18
C1 EDO H . 10.43 17.42 -22.74
O1 EDO H . 9.46 17.30 -23.76
C2 EDO H . 10.28 18.76 -22.02
O2 EDO H . 11.08 18.77 -20.85
C FMT I . -3.44 6.04 4.58
O1 FMT I . -2.88 5.15 3.89
O2 FMT I . -2.75 7.23 4.85
C1 EDO J . 1.05 18.32 7.67
O1 EDO J . 0.12 17.33 7.24
C2 EDO J . 0.37 19.72 7.78
O2 EDO J . -0.59 19.75 8.84
C1 EDO K . 9.13 21.41 5.00
O1 EDO K . 9.74 21.53 3.71
C2 EDO K . 7.55 21.28 4.93
O2 EDO K . 7.13 20.15 4.13
C1 MLA L . -8.35 1.35 14.23
O1A MLA L . -7.70 1.14 15.34
O1B MLA L . -8.58 2.47 13.81
C2 MLA L . -8.79 0.11 13.50
C3 MLA L . -8.00 -1.17 13.70
O3A MLA L . -7.01 -1.27 14.44
O3B MLA L . -8.50 -2.18 13.01
C1 EDO M . -10.68 9.98 -5.97
O1 EDO M . -9.65 9.63 -5.05
C2 EDO M . -11.18 8.71 -6.70
O2 EDO M . -10.09 8.10 -7.40
C1 EDO N . 21.23 0.25 -18.10
O1 EDO N . 22.22 -0.48 -18.80
C2 EDO N . 19.84 -0.31 -18.48
O2 EDO N . 19.83 -1.72 -18.36
#